data_5RLB
#
_entry.id   5RLB
#
_cell.length_a   59.160
_cell.length_b   70.103
_cell.length_c   85.253
_cell.angle_alpha   102.750
_cell.angle_beta   95.820
_cell.angle_gamma   112.480
#
_symmetry.space_group_name_H-M   'P 1'
#
loop_
_entity.id
_entity.type
_entity.pdbx_description
1 polymer Helicase
2 non-polymer N-cycloheptyl-N-methylmethanesulfonamide
3 non-polymer 'ZINC ION'
4 non-polymer 'PHOSPHATE ION'
5 water water
#
_entity_poly.entity_id   1
_entity_poly.type   'polypeptide(L)'
_entity_poly.pdbx_seq_one_letter_code
;AVGACVLCNSQTSLRCGACIRRPFLCCKCCYDHVISTSHKLVLSVNPYVCNAPGCDVTDVTQLYLGGMSYYCKSHKPPIS
FPLCANGQVFGLYKNTCVGSDNVTDFNAIATCDWTNAGDYILANTCTERLKLFAAETLKATEETFKLSYGIATVREVLSD
RELHLSWEVGKPRPPLNRNYVFTGYRVTKNSKVQIGEYTFEKGDYGDAVVYRGTTTYKLNVGDYFVLTSHTVMPLSAPTL
VPQEHYVRITGLYPTLNISDEFSSNVANYQKVGMQKYSTLQGPPGTGKSHFAIGLALYYPSARIVYTACSHAAVDALCEK
ALKYLPIDKCSRIIPARARVECFDKFKVNSTLEQYVFCTVNALPETTADIVVFDEISMATNYDLSVVNARLRAKHYVYIG
DPAQLPAPRTLLTKGTLEPEYFNSVCRLMKTIGPDMFLGTCRRCPAEIVDTVSALVYDNKLKAHKDKSAQCFKMFYKGVI
THDVSSAINRPQIGVVREFLTRNPAWRKAVFISPYNSQNAVASKILGLPTQTVDSSQGSEYDYVIFTQTTETAHSCNVNR
FNVAITRAKVGILCIMSDRDLYDKLQFTSLEIPRRNVATLQ
;
_entity_poly.pdbx_strand_id   A,B
#
loop_
_chem_comp.id
_chem_comp.type
_chem_comp.name
_chem_comp.formula
PO4 non-polymer 'PHOSPHATE ION' 'O4 P -3'
VVJ non-polymer N-cycloheptyl-N-methylmethanesulfonamide 'C9 H19 N O2 S'
ZN non-polymer 'ZINC ION' 'Zn 2'
#
# COMPACT_ATOMS: atom_id res chain seq x y z
N ALA A 1 18.91 14.94 -11.56
CA ALA A 1 19.30 15.21 -12.98
C ALA A 1 20.48 14.33 -13.42
N VAL A 2 21.04 13.51 -12.52
CA VAL A 2 22.19 12.59 -12.79
C VAL A 2 21.74 11.14 -12.60
N GLY A 3 21.93 10.29 -13.61
CA GLY A 3 21.47 8.89 -13.65
C GLY A 3 22.32 8.04 -14.58
N ALA A 4 21.80 6.88 -14.97
CA ALA A 4 22.48 5.88 -15.84
C ALA A 4 21.75 5.77 -17.17
N CYS A 5 22.49 5.43 -18.23
CA CYS A 5 22.04 5.50 -19.63
C CYS A 5 21.11 4.31 -19.91
N VAL A 6 19.82 4.58 -20.13
CA VAL A 6 18.80 3.57 -20.57
C VAL A 6 19.48 2.54 -21.49
N LEU A 7 20.31 2.93 -22.47
CA LEU A 7 20.94 1.93 -23.40
C LEU A 7 22.27 1.39 -22.87
N CYS A 8 23.23 2.26 -22.50
CA CYS A 8 24.67 1.94 -22.19
C CYS A 8 24.80 1.46 -20.74
N ASN A 9 24.00 2.04 -19.83
CA ASN A 9 24.17 1.99 -18.34
C ASN A 9 25.16 3.07 -17.89
N SER A 10 25.95 3.63 -18.82
CA SER A 10 26.90 4.77 -18.62
C SER A 10 26.24 5.88 -17.77
N GLN A 11 26.98 6.45 -16.81
CA GLN A 11 26.52 7.66 -16.07
C GLN A 11 26.35 8.79 -17.09
N THR A 12 25.40 9.70 -16.86
CA THR A 12 25.30 11.02 -17.55
C THR A 12 24.43 11.97 -16.73
N SER A 13 24.39 13.22 -17.19
CA SER A 13 23.50 14.30 -16.73
C SER A 13 22.42 14.54 -17.79
N LEU A 14 22.45 13.79 -18.90
CA LEU A 14 21.57 14.06 -20.07
C LEU A 14 20.31 13.18 -19.96
N ARG A 15 19.14 13.83 -19.98
CA ARG A 15 17.80 13.21 -20.20
C ARG A 15 17.19 13.82 -21.47
N CYS A 16 16.36 13.05 -22.18
CA CYS A 16 15.57 13.55 -23.32
C CYS A 16 14.31 14.26 -22.80
N GLY A 17 14.14 15.52 -23.18
CA GLY A 17 12.99 16.35 -22.77
C GLY A 17 11.80 16.03 -23.66
N ALA A 18 12.02 15.24 -24.71
CA ALA A 18 11.03 14.98 -25.77
C ALA A 18 10.38 13.63 -25.48
N CYS A 19 11.19 12.60 -25.16
CA CYS A 19 10.64 11.32 -24.60
C CYS A 19 9.68 11.60 -23.43
N ILE A 20 8.41 11.14 -23.52
CA ILE A 20 7.38 11.23 -22.44
C ILE A 20 7.91 10.74 -21.07
N ARG A 21 8.89 9.82 -21.02
CA ARG A 21 9.44 9.32 -19.71
C ARG A 21 10.68 10.11 -19.24
N ARG A 22 11.39 10.81 -20.15
CA ARG A 22 12.58 11.66 -19.88
C ARG A 22 13.74 10.80 -19.41
N PRO A 23 14.15 9.82 -20.24
CA PRO A 23 15.23 8.91 -19.87
C PRO A 23 16.64 9.53 -19.94
N PHE A 24 17.43 9.27 -18.91
CA PHE A 24 18.91 9.37 -18.90
C PHE A 24 19.44 8.79 -20.22
N LEU A 25 20.12 9.61 -21.02
CA LEU A 25 20.92 9.17 -22.20
C LEU A 25 22.38 9.59 -22.01
N CYS A 26 23.32 8.66 -22.24
CA CYS A 26 24.77 8.96 -22.24
C CYS A 26 25.07 9.81 -23.49
N CYS A 27 26.22 10.49 -23.48
CA CYS A 27 26.67 11.47 -24.51
C CYS A 27 26.66 10.82 -25.91
N LYS A 28 27.19 9.60 -26.06
CA LYS A 28 27.24 8.88 -27.36
C LYS A 28 25.79 8.56 -27.80
N CYS A 29 24.96 8.09 -26.86
CA CYS A 29 23.57 7.62 -27.12
C CYS A 29 22.59 8.81 -27.27
N CYS A 30 22.74 9.87 -26.47
CA CYS A 30 21.94 11.12 -26.65
C CYS A 30 22.06 11.67 -28.07
N TYR A 31 23.25 11.66 -28.63
CA TYR A 31 23.51 12.15 -30.00
C TYR A 31 22.65 11.36 -30.99
N ASP A 32 22.87 10.04 -31.00
CA ASP A 32 22.23 9.06 -31.93
C ASP A 32 20.71 9.16 -31.84
N HIS A 33 20.16 9.47 -30.66
CA HIS A 33 18.73 9.86 -30.49
C HIS A 33 18.42 11.14 -31.29
N VAL A 34 19.01 12.28 -30.88
CA VAL A 34 18.62 13.65 -31.34
C VAL A 34 18.92 13.82 -32.83
N ILE A 35 19.97 13.17 -33.32
CA ILE A 35 20.41 13.33 -34.74
C ILE A 35 19.55 12.48 -35.69
N SER A 36 18.77 11.50 -35.15
CA SER A 36 17.94 10.52 -35.90
C SER A 36 16.43 10.75 -35.72
N THR A 37 15.98 11.62 -34.81
CA THR A 37 14.55 11.77 -34.45
C THR A 37 14.11 13.24 -34.43
N SER A 38 12.82 13.53 -34.35
CA SER A 38 12.30 14.89 -34.02
C SER A 38 12.62 15.28 -32.57
N HIS A 39 13.39 14.46 -31.84
CA HIS A 39 13.68 14.69 -30.40
C HIS A 39 14.95 15.55 -30.28
N LYS A 40 14.84 16.84 -29.95
CA LYS A 40 15.98 17.79 -29.95
C LYS A 40 16.17 18.43 -28.57
N LEU A 41 15.10 18.57 -27.76
CA LEU A 41 15.23 19.06 -26.37
C LEU A 41 16.04 18.04 -25.56
N VAL A 42 17.23 18.44 -25.12
CA VAL A 42 18.07 17.73 -24.12
C VAL A 42 18.01 18.49 -22.79
N LEU A 43 18.06 17.78 -21.66
CA LEU A 43 18.08 18.34 -20.29
C LEU A 43 19.30 17.77 -19.56
N SER A 44 20.05 18.62 -18.86
CA SER A 44 20.98 18.21 -17.75
C SER A 44 20.49 18.97 -16.50
N VAL A 45 21.37 19.60 -15.72
CA VAL A 45 20.95 20.29 -14.46
C VAL A 45 19.90 21.36 -14.80
N ASN A 46 19.96 21.89 -16.03
CA ASN A 46 18.96 22.87 -16.56
C ASN A 46 18.83 22.60 -18.05
N PRO A 47 17.80 23.16 -18.72
CA PRO A 47 17.61 22.88 -20.15
C PRO A 47 18.79 23.38 -21.00
N TYR A 48 19.24 22.53 -21.92
CA TYR A 48 20.01 22.89 -23.14
C TYR A 48 19.07 23.72 -24.03
N VAL A 49 19.01 25.02 -23.72
CA VAL A 49 18.19 26.07 -24.38
C VAL A 49 19.15 27.26 -24.64
N CYS A 50 18.83 28.17 -25.56
CA CYS A 50 19.63 29.42 -25.74
C CYS A 50 19.40 30.31 -24.52
N ASN A 51 20.46 30.79 -23.91
CA ASN A 51 20.34 31.58 -22.65
C ASN A 51 20.15 33.08 -22.95
N ALA A 52 20.20 33.50 -24.21
CA ALA A 52 20.08 34.92 -24.62
C ALA A 52 18.64 35.35 -24.34
N PRO A 53 18.38 36.54 -23.77
CA PRO A 53 17.01 36.96 -23.51
C PRO A 53 16.14 36.90 -24.76
N GLY A 54 14.94 36.33 -24.65
CA GLY A 54 13.90 36.32 -25.71
C GLY A 54 14.07 35.18 -26.71
N CYS A 55 15.22 34.53 -26.74
CA CYS A 55 15.57 33.53 -27.77
C CYS A 55 14.78 32.25 -27.50
N ASP A 56 14.34 31.55 -28.55
CA ASP A 56 13.41 30.39 -28.43
C ASP A 56 14.09 29.10 -28.93
N VAL A 57 15.39 29.13 -29.26
CA VAL A 57 16.15 27.96 -29.78
C VAL A 57 16.39 26.98 -28.63
N THR A 58 15.79 25.78 -28.73
CA THR A 58 15.87 24.68 -27.75
C THR A 58 16.55 23.48 -28.40
N ASP A 59 16.67 23.47 -29.72
CA ASP A 59 17.24 22.33 -30.48
C ASP A 59 18.73 22.27 -30.15
N VAL A 60 19.15 21.21 -29.44
CA VAL A 60 20.53 20.91 -28.99
C VAL A 60 21.50 20.96 -30.17
N THR A 61 21.02 20.67 -31.39
CA THR A 61 21.88 20.54 -32.59
C THR A 61 22.28 21.94 -33.06
N GLN A 62 21.51 22.94 -32.63
CA GLN A 62 21.68 24.36 -33.01
C GLN A 62 22.29 25.13 -31.83
N LEU A 63 22.93 24.45 -30.87
CA LEU A 63 23.34 25.09 -29.58
C LEU A 63 24.83 24.86 -29.30
N TYR A 64 25.40 25.79 -28.55
CA TYR A 64 26.84 25.88 -28.21
C TYR A 64 26.98 26.16 -26.72
N LEU A 65 28.07 25.67 -26.14
CA LEU A 65 28.53 26.07 -24.80
C LEU A 65 29.38 27.35 -24.93
N GLY A 66 28.87 28.49 -24.43
CA GLY A 66 29.63 29.74 -24.24
C GLY A 66 29.96 29.92 -22.77
N GLY A 67 31.13 29.44 -22.36
CA GLY A 67 31.55 29.44 -20.95
C GLY A 67 30.81 28.36 -20.16
N MET A 68 29.92 28.79 -19.25
CA MET A 68 29.05 27.87 -18.47
C MET A 68 27.65 27.82 -19.11
N SER A 69 27.34 28.74 -20.04
CA SER A 69 25.99 28.90 -20.62
C SER A 69 25.91 28.31 -22.02
N TYR A 70 24.69 28.20 -22.54
CA TYR A 70 24.39 27.61 -23.86
C TYR A 70 23.77 28.70 -24.72
N TYR A 71 24.09 28.67 -26.01
CA TYR A 71 23.63 29.71 -26.99
C TYR A 71 23.43 29.06 -28.35
N CYS A 72 22.48 29.57 -29.11
CA CYS A 72 22.33 29.28 -30.56
C CYS A 72 23.47 29.94 -31.35
N LYS A 73 23.48 29.74 -32.68
CA LYS A 73 24.47 30.32 -33.63
C LYS A 73 24.38 31.85 -33.57
N SER A 74 23.16 32.38 -33.44
CA SER A 74 22.81 33.83 -33.43
C SER A 74 23.40 34.58 -32.23
N HIS A 75 23.71 33.88 -31.11
CA HIS A 75 24.00 34.50 -29.79
C HIS A 75 25.30 33.96 -29.17
N LYS A 76 25.93 32.95 -29.74
CA LYS A 76 27.14 32.35 -29.12
C LYS A 76 28.30 33.33 -29.19
N PRO A 77 29.17 33.33 -28.17
CA PRO A 77 30.38 34.15 -28.23
C PRO A 77 31.40 33.53 -29.18
N PRO A 78 32.46 34.28 -29.56
CA PRO A 78 33.52 33.72 -30.41
C PRO A 78 34.10 32.40 -29.84
N ILE A 79 34.33 32.32 -28.52
CA ILE A 79 34.93 31.08 -27.94
C ILE A 79 33.77 30.21 -27.40
N SER A 80 33.32 29.27 -28.24
CA SER A 80 32.23 28.32 -27.94
C SER A 80 32.46 27.01 -28.71
N PHE A 81 31.96 25.93 -28.10
CA PHE A 81 31.94 24.52 -28.55
C PHE A 81 30.50 24.22 -28.98
N PRO A 82 30.23 23.55 -30.13
CA PRO A 82 28.87 23.04 -30.39
C PRO A 82 28.55 21.92 -29.38
N LEU A 83 27.30 21.86 -28.92
CA LEU A 83 26.86 20.87 -27.89
C LEU A 83 26.89 19.46 -28.51
N CYS A 84 26.54 19.36 -29.81
CA CYS A 84 26.59 18.12 -30.62
C CYS A 84 27.81 18.16 -31.53
N ALA A 85 28.79 17.28 -31.28
CA ALA A 85 30.05 17.12 -32.03
C ALA A 85 30.62 15.72 -31.80
N ASN A 86 31.39 15.21 -32.77
CA ASN A 86 32.06 13.88 -32.72
C ASN A 86 31.11 12.86 -32.07
N GLY A 87 29.95 12.63 -32.69
CA GLY A 87 28.98 11.59 -32.32
C GLY A 87 28.40 11.75 -30.92
N GLN A 88 28.65 12.90 -30.26
CA GLN A 88 28.31 13.12 -28.82
C GLN A 88 27.55 14.43 -28.62
N VAL A 89 26.84 14.50 -27.50
CA VAL A 89 26.17 15.68 -26.91
C VAL A 89 26.94 16.00 -25.63
N PHE A 90 27.44 17.22 -25.49
CA PHE A 90 28.24 17.64 -24.33
C PHE A 90 27.42 17.41 -23.06
N GLY A 91 28.02 16.74 -22.08
CA GLY A 91 27.51 16.69 -20.69
C GLY A 91 28.56 16.09 -19.77
N LEU A 92 28.22 15.88 -18.50
CA LEU A 92 29.14 15.31 -17.50
C LEU A 92 29.44 13.85 -17.88
N TYR A 93 30.61 13.34 -17.51
CA TYR A 93 31.05 11.92 -17.64
C TYR A 93 31.23 11.53 -19.13
N LYS A 94 31.76 12.46 -19.95
CA LYS A 94 31.92 12.32 -21.45
C LYS A 94 33.20 11.54 -21.80
N VAL A 103 20.63 1.34 -30.81
CA VAL A 103 20.04 2.71 -30.55
C VAL A 103 18.94 3.01 -31.56
N THR A 104 18.97 2.39 -32.76
CA THR A 104 17.84 2.32 -33.72
C THR A 104 16.56 1.90 -32.99
N ASP A 105 16.65 0.92 -32.08
CA ASP A 105 15.48 0.34 -31.38
C ASP A 105 14.97 1.36 -30.35
N PHE A 106 15.86 1.99 -29.58
CA PHE A 106 15.48 3.04 -28.59
C PHE A 106 14.71 4.16 -29.29
N ASN A 107 15.09 4.49 -30.54
CA ASN A 107 14.49 5.63 -31.30
C ASN A 107 13.04 5.29 -31.70
N ALA A 108 12.78 4.06 -32.15
CA ALA A 108 11.43 3.56 -32.54
C ALA A 108 10.53 3.48 -31.31
N ILE A 109 11.06 3.04 -30.17
CA ILE A 109 10.30 2.95 -28.88
C ILE A 109 9.93 4.36 -28.41
N ALA A 110 10.90 5.28 -28.38
CA ALA A 110 10.76 6.68 -27.89
C ALA A 110 9.66 7.44 -28.66
N THR A 111 9.53 7.19 -29.98
CA THR A 111 8.73 8.01 -30.94
C THR A 111 7.42 7.36 -31.42
N CYS A 112 7.25 6.04 -31.31
CA CYS A 112 6.04 5.33 -31.82
C CYS A 112 4.82 5.69 -30.98
N ASP A 113 3.61 5.59 -31.53
CA ASP A 113 2.35 5.93 -30.80
C ASP A 113 1.69 4.65 -30.21
N TRP A 114 2.26 3.46 -30.46
CA TRP A 114 1.85 2.15 -29.87
C TRP A 114 0.55 1.63 -30.49
N THR A 115 0.23 2.03 -31.73
CA THR A 115 -1.01 1.67 -32.44
C THR A 115 -0.73 0.49 -33.38
N ASN A 116 0.56 0.15 -33.55
CA ASN A 116 1.05 -0.86 -34.52
C ASN A 116 1.64 -2.04 -33.74
N ALA A 117 1.36 -3.25 -34.20
CA ALA A 117 1.86 -4.51 -33.61
C ALA A 117 3.37 -4.42 -33.50
N GLY A 118 4.00 -3.95 -34.58
CA GLY A 118 5.46 -3.83 -34.74
C GLY A 118 6.11 -3.10 -33.57
N ASP A 119 5.37 -2.21 -32.90
CA ASP A 119 5.80 -1.46 -31.70
C ASP A 119 5.93 -2.42 -30.49
N TYR A 120 4.98 -3.37 -30.36
CA TYR A 120 4.96 -4.39 -29.28
C TYR A 120 5.99 -5.45 -29.57
N ILE A 121 6.18 -5.76 -30.85
CA ILE A 121 7.18 -6.75 -31.30
C ILE A 121 8.54 -6.26 -30.81
N LEU A 122 8.87 -5.02 -31.15
CA LEU A 122 10.17 -4.37 -30.76
C LEU A 122 10.27 -4.24 -29.24
N ALA A 123 9.21 -3.89 -28.51
CA ALA A 123 9.23 -3.79 -27.02
C ALA A 123 9.55 -5.15 -26.39
N ASN A 124 9.73 -6.21 -27.19
CA ASN A 124 9.91 -7.60 -26.70
C ASN A 124 11.06 -8.33 -27.40
N THR A 125 11.64 -7.80 -28.47
CA THR A 125 12.85 -8.40 -29.09
C THR A 125 14.07 -7.60 -28.62
N CYS A 126 13.86 -6.49 -27.94
CA CYS A 126 14.93 -5.50 -27.62
C CYS A 126 15.70 -6.03 -26.39
N THR A 127 16.77 -5.35 -26.02
CA THR A 127 17.49 -5.57 -24.74
C THR A 127 16.52 -5.30 -23.58
N GLU A 128 16.91 -5.78 -22.40
CA GLU A 128 16.14 -5.83 -21.14
C GLU A 128 15.94 -4.42 -20.61
N ARG A 129 16.96 -3.57 -20.64
CA ARG A 129 16.80 -2.12 -20.30
C ARG A 129 15.70 -1.49 -21.17
N LEU A 130 15.72 -1.78 -22.48
CA LEU A 130 14.80 -1.17 -23.47
C LEU A 130 13.37 -1.72 -23.31
N LYS A 131 13.23 -2.94 -22.80
CA LYS A 131 11.89 -3.52 -22.46
C LYS A 131 11.25 -2.67 -21.36
N LEU A 132 12.03 -2.24 -20.36
CA LEU A 132 11.48 -1.43 -19.23
C LEU A 132 11.11 -0.04 -19.75
N PHE A 133 11.94 0.53 -20.63
CA PHE A 133 11.71 1.88 -21.23
C PHE A 133 10.40 1.83 -22.03
N ALA A 134 10.30 0.81 -22.87
CA ALA A 134 9.13 0.50 -23.72
C ALA A 134 7.89 0.36 -22.82
N ALA A 135 7.95 -0.51 -21.81
CA ALA A 135 6.77 -0.90 -20.99
C ALA A 135 6.28 0.31 -20.19
N GLU A 136 7.19 1.17 -19.75
CA GLU A 136 6.82 2.41 -18.99
C GLU A 136 6.26 3.45 -20.00
N THR A 137 6.90 3.58 -21.15
CA THR A 137 6.46 4.52 -22.22
C THR A 137 5.05 4.13 -22.65
N LEU A 138 4.89 2.87 -23.04
CA LEU A 138 3.59 2.33 -23.54
C LEU A 138 2.51 2.63 -22.52
N LYS A 139 2.78 2.26 -21.27
CA LYS A 139 1.79 2.39 -20.17
C LYS A 139 1.45 3.88 -20.02
N ALA A 140 2.44 4.76 -20.06
CA ALA A 140 2.23 6.22 -19.99
C ALA A 140 1.25 6.60 -21.11
N THR A 141 1.61 6.26 -22.35
CA THR A 141 0.79 6.56 -23.56
C THR A 141 -0.62 6.00 -23.38
N GLU A 142 -0.74 4.76 -22.88
CA GLU A 142 -2.08 4.13 -22.63
C GLU A 142 -2.90 5.03 -21.70
N GLU A 143 -2.30 5.59 -20.64
CA GLU A 143 -3.04 6.33 -19.57
C GLU A 143 -3.48 7.71 -20.07
N THR A 144 -2.62 8.41 -20.82
CA THR A 144 -2.91 9.76 -21.36
C THR A 144 -3.92 9.67 -22.52
N PHE A 145 -4.14 8.48 -23.09
CA PHE A 145 -5.17 8.27 -24.14
C PHE A 145 -6.57 8.17 -23.49
N LYS A 146 -6.66 7.75 -22.22
CA LYS A 146 -7.96 7.68 -21.50
C LYS A 146 -8.56 9.08 -21.44
N LEU A 147 -7.72 10.10 -21.22
CA LEU A 147 -8.13 11.53 -21.10
C LEU A 147 -8.89 11.98 -22.35
N SER A 148 -8.62 11.37 -23.52
CA SER A 148 -9.21 11.71 -24.84
C SER A 148 -10.73 11.47 -24.90
N TYR A 149 -11.24 10.52 -24.11
CA TYR A 149 -12.65 10.05 -24.15
C TYR A 149 -13.57 11.01 -23.37
N GLY A 150 -14.85 11.05 -23.76
CA GLY A 150 -15.86 11.97 -23.24
C GLY A 150 -16.33 11.58 -21.84
N ILE A 151 -16.74 12.58 -21.06
CA ILE A 151 -17.43 12.41 -19.74
C ILE A 151 -18.86 11.93 -20.05
N ALA A 152 -19.38 10.99 -19.23
CA ALA A 152 -20.77 10.49 -19.28
C ALA A 152 -21.55 11.12 -18.12
N THR A 153 -22.68 11.76 -18.44
CA THR A 153 -23.55 12.45 -17.45
C THR A 153 -24.91 11.72 -17.45
N VAL A 154 -25.49 11.50 -16.26
CA VAL A 154 -26.77 10.73 -16.08
C VAL A 154 -27.94 11.62 -16.52
N ARG A 155 -28.50 11.36 -17.69
CA ARG A 155 -29.74 12.02 -18.19
C ARG A 155 -30.89 11.66 -17.24
N GLU A 156 -31.38 10.40 -17.26
CA GLU A 156 -32.45 9.89 -16.34
C GLU A 156 -32.11 8.48 -15.83
N VAL A 157 -32.37 8.23 -14.53
CA VAL A 157 -32.20 6.92 -13.83
C VAL A 157 -33.53 6.17 -13.95
N LEU A 158 -33.55 5.06 -14.69
CA LEU A 158 -34.77 4.22 -14.92
C LEU A 158 -34.99 3.28 -13.72
N SER A 159 -33.96 2.50 -13.39
CA SER A 159 -34.01 1.37 -12.42
C SER A 159 -32.73 1.33 -11.60
N ASP A 160 -32.56 0.24 -10.85
CA ASP A 160 -31.40 -0.02 -9.96
C ASP A 160 -30.25 -0.64 -10.79
N ARG A 161 -30.50 -0.95 -12.07
CA ARG A 161 -29.52 -1.60 -12.99
C ARG A 161 -29.52 -0.97 -14.39
N GLU A 162 -30.32 0.07 -14.68
CA GLU A 162 -30.39 0.70 -16.04
C GLU A 162 -30.52 2.22 -15.88
N LEU A 163 -29.87 3.01 -16.77
CA LEU A 163 -30.09 4.48 -16.86
C LEU A 163 -29.89 4.97 -18.31
N HIS A 164 -30.15 6.26 -18.53
CA HIS A 164 -29.89 6.98 -19.80
C HIS A 164 -28.70 7.92 -19.59
N LEU A 165 -27.73 7.92 -20.52
CA LEU A 165 -26.45 8.69 -20.41
C LEU A 165 -26.37 9.80 -21.48
N SER A 166 -25.83 10.94 -21.04
CA SER A 166 -25.49 12.15 -21.85
C SER A 166 -23.97 12.22 -22.01
N TRP A 167 -23.47 12.26 -23.26
CA TRP A 167 -22.04 12.12 -23.65
C TRP A 167 -21.44 13.43 -24.18
N GLU A 168 -20.35 13.91 -23.56
CA GLU A 168 -19.62 15.16 -23.94
C GLU A 168 -19.38 15.19 -25.45
N VAL A 169 -19.93 16.20 -26.13
CA VAL A 169 -19.70 16.48 -27.59
C VAL A 169 -18.23 16.91 -27.77
N GLY A 170 -17.64 16.59 -28.93
CA GLY A 170 -16.27 16.97 -29.31
C GLY A 170 -15.23 15.91 -28.97
N LYS A 171 -15.55 15.01 -28.02
CA LYS A 171 -14.70 13.87 -27.59
C LYS A 171 -15.40 12.56 -27.93
N PRO A 172 -14.65 11.50 -28.32
CA PRO A 172 -15.23 10.18 -28.60
C PRO A 172 -15.72 9.46 -27.32
N ARG A 173 -16.59 8.45 -27.47
CA ARG A 173 -17.20 7.70 -26.34
C ARG A 173 -16.47 6.36 -26.21
N PRO A 174 -16.07 5.94 -24.99
CA PRO A 174 -15.34 4.70 -24.79
C PRO A 174 -16.23 3.46 -24.91
N PRO A 175 -15.72 2.32 -25.45
CA PRO A 175 -16.52 1.10 -25.55
C PRO A 175 -17.22 0.80 -24.21
N LEU A 176 -18.50 0.45 -24.25
CA LEU A 176 -19.31 0.21 -23.02
C LEU A 176 -19.37 -1.30 -22.71
N ASN A 177 -18.24 -1.85 -22.28
CA ASN A 177 -18.07 -3.28 -21.88
C ASN A 177 -17.59 -3.30 -20.43
N ARG A 178 -17.17 -4.47 -19.92
CA ARG A 178 -16.57 -4.60 -18.56
C ARG A 178 -15.08 -4.18 -18.60
N ASN A 179 -14.45 -4.16 -19.78
CA ASN A 179 -13.03 -3.76 -19.96
C ASN A 179 -12.83 -2.30 -19.52
N TYR A 180 -13.83 -1.44 -19.77
CA TYR A 180 -13.77 0.03 -19.55
C TYR A 180 -14.46 0.39 -18.23
N VAL A 181 -13.67 0.55 -17.17
CA VAL A 181 -14.15 0.89 -15.79
C VAL A 181 -14.10 2.41 -15.63
N PHE A 182 -15.21 2.98 -15.13
CA PHE A 182 -15.42 4.43 -14.93
C PHE A 182 -15.41 4.73 -13.45
N THR A 183 -15.11 5.98 -13.09
CA THR A 183 -15.24 6.51 -11.71
C THR A 183 -16.40 7.52 -11.72
N GLY A 184 -17.33 7.38 -10.78
CA GLY A 184 -18.51 8.26 -10.62
C GLY A 184 -18.24 9.33 -9.59
N TYR A 185 -18.96 10.47 -9.67
CA TYR A 185 -18.70 11.70 -8.87
C TYR A 185 -20.00 12.47 -8.62
N GLN A 194 -16.86 11.12 -5.23
CA GLN A 194 -16.18 9.84 -5.59
C GLN A 194 -17.10 8.65 -5.23
N ILE A 195 -18.15 8.41 -6.03
CA ILE A 195 -19.26 7.46 -5.71
C ILE A 195 -18.86 6.03 -6.12
N GLY A 196 -17.56 5.72 -6.09
CA GLY A 196 -17.02 4.36 -6.35
C GLY A 196 -17.10 4.00 -7.82
N GLU A 197 -16.39 2.95 -8.23
CA GLU A 197 -16.20 2.55 -9.64
C GLU A 197 -17.51 1.95 -10.19
N TYR A 198 -17.84 2.26 -11.46
CA TYR A 198 -19.04 1.78 -12.18
C TYR A 198 -18.61 1.17 -13.53
N THR A 199 -19.36 0.19 -14.04
CA THR A 199 -19.30 -0.32 -15.44
C THR A 199 -20.67 -0.14 -16.09
N PHE A 200 -20.69 -0.13 -17.44
CA PHE A 200 -21.89 0.04 -18.30
C PHE A 200 -21.89 -1.02 -19.41
N GLU A 201 -23.07 -1.45 -19.83
CA GLU A 201 -23.30 -2.46 -20.92
C GLU A 201 -24.51 -2.01 -21.75
N LYS A 202 -24.45 -2.21 -23.07
CA LYS A 202 -25.61 -2.00 -24.00
C LYS A 202 -26.40 -3.32 -24.11
N ASP A 207 -32.39 3.68 -26.10
CA ASP A 207 -31.15 4.33 -25.60
C ASP A 207 -30.81 3.82 -24.18
N ALA A 208 -31.41 2.72 -23.73
CA ALA A 208 -31.25 2.17 -22.36
C ALA A 208 -29.86 1.53 -22.23
N VAL A 209 -29.17 1.80 -21.12
CA VAL A 209 -27.80 1.24 -20.83
C VAL A 209 -27.78 0.66 -19.39
N VAL A 210 -27.09 -0.48 -19.25
CA VAL A 210 -27.05 -1.29 -17.99
C VAL A 210 -25.85 -0.81 -17.14
N TYR A 211 -26.09 -0.40 -15.89
CA TYR A 211 -25.06 0.12 -14.95
C TYR A 211 -24.85 -0.84 -13.78
N ARG A 212 -23.59 -0.96 -13.32
CA ARG A 212 -23.19 -1.83 -12.18
C ARG A 212 -22.22 -1.04 -11.29
N GLY A 213 -22.68 -0.59 -10.13
CA GLY A 213 -21.87 0.15 -9.15
C GLY A 213 -21.14 -0.81 -8.22
N THR A 214 -19.83 -0.65 -8.04
CA THR A 214 -19.06 -1.43 -7.04
C THR A 214 -19.72 -1.17 -5.68
N THR A 215 -19.80 0.10 -5.27
CA THR A 215 -20.67 0.54 -4.14
C THR A 215 -22.08 0.75 -4.74
N THR A 216 -23.10 0.07 -4.19
CA THR A 216 -24.52 0.23 -4.61
C THR A 216 -25.01 1.59 -4.10
N TYR A 217 -25.03 2.60 -4.98
CA TYR A 217 -25.40 4.00 -4.72
C TYR A 217 -26.72 4.32 -5.44
N LYS A 218 -27.62 5.06 -4.78
CA LYS A 218 -28.81 5.66 -5.42
C LYS A 218 -28.30 6.68 -6.45
N LEU A 219 -28.11 6.23 -7.71
CA LEU A 219 -27.45 7.01 -8.81
C LEU A 219 -28.22 8.32 -9.03
N ASN A 220 -27.55 9.47 -8.83
CA ASN A 220 -28.15 10.84 -8.90
C ASN A 220 -28.03 11.36 -10.34
N VAL A 221 -29.10 12.00 -10.85
CA VAL A 221 -29.14 12.68 -12.18
C VAL A 221 -28.20 13.89 -12.14
N GLY A 222 -27.24 13.98 -13.06
CA GLY A 222 -26.20 15.02 -13.07
C GLY A 222 -24.89 14.52 -12.49
N ASP A 223 -24.88 13.39 -11.78
CA ASP A 223 -23.63 12.64 -11.45
C ASP A 223 -22.93 12.35 -12.78
N TYR A 224 -21.60 12.21 -12.78
CA TYR A 224 -20.79 11.99 -14.01
C TYR A 224 -19.77 10.87 -13.78
N PHE A 225 -19.34 10.23 -14.87
CA PHE A 225 -18.44 9.05 -14.90
C PHE A 225 -17.24 9.38 -15.79
N VAL A 226 -16.03 9.01 -15.36
CA VAL A 226 -14.73 9.25 -16.05
C VAL A 226 -13.86 8.00 -15.89
N LEU A 227 -13.08 7.64 -16.92
CA LEU A 227 -12.13 6.50 -16.90
C LEU A 227 -10.96 6.83 -15.99
N THR A 228 -10.69 5.98 -15.00
CA THR A 228 -9.58 6.11 -14.02
C THR A 228 -8.25 6.19 -14.77
N SER A 229 -7.57 7.35 -14.69
CA SER A 229 -6.22 7.59 -15.26
C SER A 229 -5.18 7.63 -14.13
N HIS A 230 -4.59 6.48 -13.77
CA HIS A 230 -3.64 6.32 -12.64
C HIS A 230 -2.21 6.59 -13.13
N THR A 231 -1.41 7.33 -12.35
CA THR A 231 -0.02 7.76 -12.67
C THR A 231 0.81 6.49 -12.88
N VAL A 232 1.69 6.51 -13.88
CA VAL A 232 2.60 5.39 -14.23
C VAL A 232 3.90 5.58 -13.48
N MET A 233 4.13 4.80 -12.42
CA MET A 233 5.40 4.77 -11.67
C MET A 233 6.49 4.22 -12.57
N PRO A 234 7.77 4.62 -12.35
CA PRO A 234 8.88 4.03 -13.07
C PRO A 234 9.13 2.56 -12.73
N LEU A 235 9.81 1.88 -13.64
CA LEU A 235 10.24 0.48 -13.49
C LEU A 235 11.73 0.53 -13.14
N SER A 236 12.21 -0.50 -12.45
CA SER A 236 13.61 -0.65 -12.01
C SER A 236 14.08 -2.08 -12.24
N ALA A 237 13.27 -3.07 -11.83
CA ALA A 237 13.61 -4.50 -11.91
C ALA A 237 13.41 -4.99 -13.34
N PRO A 238 14.24 -5.96 -13.80
CA PRO A 238 14.02 -6.55 -15.11
C PRO A 238 12.68 -7.29 -15.19
N THR A 239 12.21 -7.62 -16.41
CA THR A 239 11.02 -8.48 -16.63
C THR A 239 11.31 -9.85 -16.01
N LEU A 240 12.51 -10.36 -16.28
CA LEU A 240 13.06 -11.67 -15.83
C LEU A 240 14.42 -11.41 -15.17
N VAL A 241 14.61 -11.80 -13.90
CA VAL A 241 15.95 -11.76 -13.27
C VAL A 241 16.86 -12.65 -14.10
N PRO A 242 18.20 -12.49 -14.07
CA PRO A 242 19.08 -13.28 -14.92
C PRO A 242 18.85 -14.76 -14.55
N GLN A 243 18.95 -15.67 -15.52
CA GLN A 243 18.75 -17.13 -15.32
C GLN A 243 19.93 -17.66 -14.52
N GLU A 244 19.68 -18.51 -13.51
CA GLU A 244 20.71 -19.23 -12.71
C GLU A 244 20.34 -20.72 -12.62
N HIS A 245 21.15 -21.59 -13.24
CA HIS A 245 21.05 -23.06 -13.13
C HIS A 245 21.97 -23.55 -12.02
N TYR A 246 21.41 -24.35 -11.12
CA TYR A 246 22.09 -24.94 -9.95
C TYR A 246 22.19 -26.46 -10.19
N VAL A 247 23.18 -27.08 -9.54
CA VAL A 247 23.47 -28.53 -9.65
C VAL A 247 22.59 -29.27 -8.64
N ARG A 248 22.24 -28.61 -7.53
CA ARG A 248 21.43 -29.13 -6.41
C ARG A 248 20.20 -28.22 -6.21
N ILE A 249 19.11 -28.76 -5.66
CA ILE A 249 17.92 -27.95 -5.22
C ILE A 249 18.43 -26.90 -4.24
N THR A 250 18.21 -25.62 -4.52
CA THR A 250 18.81 -24.49 -3.78
C THR A 250 17.71 -23.84 -2.94
N GLY A 251 17.98 -23.64 -1.64
CA GLY A 251 17.17 -22.81 -0.72
C GLY A 251 15.79 -23.38 -0.38
N LEU A 252 15.50 -24.62 -0.77
CA LEU A 252 14.20 -25.31 -0.52
C LEU A 252 14.50 -26.70 0.04
N TYR A 253 13.55 -27.31 0.78
CA TYR A 253 13.72 -28.63 1.45
C TYR A 253 12.57 -29.57 1.09
N PRO A 254 12.80 -30.54 0.19
CA PRO A 254 11.73 -31.41 -0.30
C PRO A 254 11.16 -32.34 0.78
N THR A 255 9.85 -32.66 0.79
CA THR A 255 9.31 -33.85 1.52
C THR A 255 9.89 -35.11 0.87
N LEU A 256 10.05 -36.17 1.66
CA LEU A 256 10.31 -37.56 1.20
C LEU A 256 8.94 -38.22 0.97
N ASN A 257 7.99 -37.88 1.85
CA ASN A 257 6.56 -38.26 1.78
C ASN A 257 5.79 -37.20 0.98
N ILE A 258 5.53 -37.45 -0.31
CA ILE A 258 4.68 -36.58 -1.19
C ILE A 258 3.42 -37.36 -1.62
N SER A 259 2.24 -36.83 -1.32
CA SER A 259 0.92 -37.42 -1.70
C SER A 259 0.95 -37.81 -3.18
N ASP A 260 0.42 -39.00 -3.48
CA ASP A 260 0.38 -39.66 -4.81
C ASP A 260 -0.27 -38.72 -5.83
N GLU A 261 -1.20 -37.87 -5.37
CA GLU A 261 -1.89 -36.82 -6.17
C GLU A 261 -0.87 -35.95 -6.92
N PHE A 262 0.28 -35.68 -6.29
CA PHE A 262 1.32 -34.73 -6.76
C PHE A 262 2.55 -35.49 -7.29
N SER A 263 2.57 -36.82 -7.19
CA SER A 263 3.64 -37.74 -7.70
C SER A 263 4.13 -37.35 -9.10
N SER A 264 3.20 -37.05 -10.02
CA SER A 264 3.47 -36.76 -11.45
C SER A 264 4.33 -35.49 -11.60
N ASN A 265 4.27 -34.54 -10.66
CA ASN A 265 4.97 -33.21 -10.76
C ASN A 265 6.34 -33.20 -10.06
N VAL A 266 6.80 -34.30 -9.46
CA VAL A 266 7.99 -34.29 -8.55
C VAL A 266 9.22 -33.84 -9.36
N ALA A 267 9.44 -34.38 -10.56
CA ALA A 267 10.62 -34.02 -11.39
C ALA A 267 10.55 -32.52 -11.76
N ASN A 268 9.40 -32.03 -12.24
CA ASN A 268 9.17 -30.57 -12.49
C ASN A 268 9.45 -29.75 -11.21
N TYR A 269 9.00 -30.22 -10.05
CA TYR A 269 9.21 -29.57 -8.75
C TYR A 269 10.72 -29.50 -8.42
N GLN A 270 11.49 -30.50 -8.87
CA GLN A 270 12.96 -30.54 -8.68
C GLN A 270 13.60 -29.56 -9.66
N LYS A 271 13.10 -29.47 -10.88
CA LYS A 271 13.56 -28.45 -11.86
C LYS A 271 13.34 -27.06 -11.22
N VAL A 272 12.13 -26.76 -10.73
CA VAL A 272 11.81 -25.44 -10.11
C VAL A 272 12.93 -25.07 -9.12
N GLY A 273 13.36 -26.02 -8.26
CA GLY A 273 14.36 -25.82 -7.21
C GLY A 273 15.80 -25.74 -7.72
N MET A 274 16.08 -26.17 -8.96
CA MET A 274 17.46 -26.22 -9.53
C MET A 274 17.68 -25.10 -10.59
N GLN A 275 16.85 -24.06 -10.60
CA GLN A 275 16.95 -22.88 -11.49
C GLN A 275 16.38 -21.66 -10.74
N LYS A 276 16.84 -20.45 -11.06
CA LYS A 276 16.29 -19.20 -10.44
C LYS A 276 14.81 -19.06 -10.84
N TYR A 277 14.52 -19.23 -12.13
CA TYR A 277 13.14 -19.04 -12.66
C TYR A 277 12.84 -20.17 -13.64
N SER A 278 11.57 -20.54 -13.67
CA SER A 278 11.11 -21.63 -14.55
C SER A 278 9.77 -21.23 -15.16
N THR A 279 9.54 -21.72 -16.37
CA THR A 279 8.32 -21.51 -17.17
C THR A 279 7.55 -22.84 -17.22
N LEU A 280 6.24 -22.78 -17.02
CA LEU A 280 5.33 -23.94 -17.23
C LEU A 280 4.23 -23.56 -18.23
N GLN A 281 4.25 -24.20 -19.39
CA GLN A 281 3.10 -24.12 -20.31
C GLN A 281 2.12 -25.22 -19.90
N GLY A 282 0.93 -24.83 -19.47
CA GLY A 282 -0.18 -25.76 -19.20
C GLY A 282 -1.41 -25.38 -19.98
N PRO A 283 -1.68 -26.08 -21.12
CA PRO A 283 -2.92 -25.98 -21.87
C PRO A 283 -4.10 -26.16 -20.93
N PRO A 284 -5.32 -25.83 -21.40
CA PRO A 284 -6.48 -25.86 -20.52
C PRO A 284 -6.63 -27.23 -19.85
N GLY A 285 -6.88 -27.23 -18.53
CA GLY A 285 -7.32 -28.40 -17.74
C GLY A 285 -6.23 -29.45 -17.61
N THR A 286 -4.96 -29.06 -17.79
CA THR A 286 -3.74 -29.93 -17.68
C THR A 286 -3.22 -29.92 -16.23
N GLY A 287 -3.87 -29.20 -15.32
CA GLY A 287 -3.44 -29.18 -13.90
C GLY A 287 -2.43 -28.10 -13.56
N LYS A 288 -2.57 -26.86 -14.07
CA LYS A 288 -1.70 -25.71 -13.66
C LYS A 288 -1.95 -25.42 -12.17
N SER A 289 -3.19 -25.16 -11.78
CA SER A 289 -3.61 -24.91 -10.38
C SER A 289 -2.97 -25.99 -9.48
N HIS A 290 -3.11 -27.24 -9.90
CA HIS A 290 -2.68 -28.46 -9.20
C HIS A 290 -1.16 -28.43 -9.06
N PHE A 291 -0.49 -28.05 -10.12
CA PHE A 291 0.98 -27.86 -10.07
C PHE A 291 1.36 -26.78 -9.05
N ALA A 292 0.73 -25.62 -9.15
CA ALA A 292 1.06 -24.45 -8.30
C ALA A 292 0.91 -24.82 -6.82
N ILE A 293 -0.20 -25.47 -6.43
CA ILE A 293 -0.48 -25.77 -5.00
C ILE A 293 0.38 -26.97 -4.59
N GLY A 294 0.55 -27.94 -5.46
CA GLY A 294 1.41 -29.11 -5.22
C GLY A 294 2.87 -28.75 -4.99
N LEU A 295 3.25 -27.53 -5.31
CA LEU A 295 4.66 -27.10 -5.19
C LEU A 295 4.93 -26.81 -3.71
N ALA A 296 3.90 -26.31 -3.00
CA ALA A 296 3.92 -25.95 -1.56
C ALA A 296 3.99 -27.22 -0.70
N LEU A 297 3.38 -28.33 -1.16
CA LEU A 297 3.33 -29.61 -0.42
C LEU A 297 4.67 -30.32 -0.64
N TYR A 298 5.30 -30.13 -1.80
CA TYR A 298 6.62 -30.73 -2.07
C TYR A 298 7.71 -29.97 -1.32
N TYR A 299 7.61 -28.64 -1.24
CA TYR A 299 8.53 -27.77 -0.46
C TYR A 299 7.76 -27.21 0.73
N PRO A 300 7.37 -28.08 1.69
CA PRO A 300 6.32 -27.75 2.67
C PRO A 300 6.62 -26.61 3.65
N SER A 301 7.89 -26.21 3.80
CA SER A 301 8.37 -25.14 4.73
C SER A 301 8.51 -23.81 3.99
N ALA A 302 8.54 -23.87 2.65
CA ALA A 302 8.78 -22.71 1.76
C ALA A 302 7.62 -21.72 1.92
N ARG A 303 7.98 -20.45 2.09
CA ARG A 303 7.08 -19.29 2.00
C ARG A 303 6.87 -19.02 0.52
N ILE A 304 5.61 -19.05 0.07
CA ILE A 304 5.26 -18.96 -1.37
C ILE A 304 4.26 -17.79 -1.52
N VAL A 305 4.59 -16.91 -2.45
CA VAL A 305 3.66 -15.85 -2.89
C VAL A 305 3.04 -16.29 -4.23
N TYR A 306 1.71 -16.36 -4.22
CA TYR A 306 0.88 -16.72 -5.39
C TYR A 306 0.31 -15.42 -5.92
N THR A 307 0.61 -15.10 -7.18
CA THR A 307 0.24 -13.82 -7.80
C THR A 307 -0.23 -14.08 -9.22
N ALA A 308 -1.12 -13.21 -9.69
CA ALA A 308 -1.63 -13.07 -11.08
C ALA A 308 -2.15 -11.64 -11.25
N CYS A 309 -2.37 -11.20 -12.47
CA CYS A 309 -2.85 -9.83 -12.76
C CYS A 309 -4.28 -9.67 -12.24
N SER A 310 -5.16 -10.65 -12.47
CA SER A 310 -6.62 -10.53 -12.14
C SER A 310 -6.92 -11.11 -10.75
N HIS A 311 -7.97 -10.60 -10.13
CA HIS A 311 -8.57 -11.13 -8.88
C HIS A 311 -9.08 -12.57 -9.08
N ALA A 312 -9.64 -12.84 -10.27
CA ALA A 312 -10.22 -14.16 -10.64
C ALA A 312 -9.10 -15.21 -10.54
N ALA A 313 -7.96 -14.96 -11.18
CA ALA A 313 -6.85 -15.94 -11.27
C ALA A 313 -6.30 -16.19 -9.86
N VAL A 314 -6.21 -15.14 -9.06
CA VAL A 314 -5.65 -15.25 -7.68
C VAL A 314 -6.62 -16.09 -6.83
N ASP A 315 -7.93 -15.84 -6.99
CA ASP A 315 -9.05 -16.55 -6.29
C ASP A 315 -9.09 -18.03 -6.69
N ALA A 316 -8.89 -18.35 -7.96
CA ALA A 316 -8.76 -19.74 -8.41
C ALA A 316 -7.63 -20.40 -7.64
N LEU A 317 -6.49 -19.72 -7.45
CA LEU A 317 -5.34 -20.32 -6.73
C LEU A 317 -5.72 -20.53 -5.25
N CYS A 318 -6.53 -19.61 -4.69
CA CYS A 318 -7.06 -19.68 -3.30
C CYS A 318 -7.99 -20.90 -3.17
N GLU A 319 -8.92 -21.09 -4.10
CA GLU A 319 -9.82 -22.27 -4.12
C GLU A 319 -8.99 -23.55 -4.06
N LYS A 320 -7.93 -23.67 -4.87
CA LYS A 320 -7.08 -24.89 -4.84
C LYS A 320 -6.40 -24.99 -3.47
N ALA A 321 -5.76 -23.92 -3.00
CA ALA A 321 -5.04 -23.89 -1.70
C ALA A 321 -5.96 -24.37 -0.57
N LEU A 322 -7.22 -23.88 -0.56
CA LEU A 322 -8.22 -24.19 0.49
C LEU A 322 -8.34 -25.71 0.66
N LYS A 323 -8.43 -26.44 -0.48
CA LYS A 323 -8.55 -27.91 -0.59
C LYS A 323 -7.32 -28.64 0.00
N TYR A 324 -6.12 -28.07 -0.06
CA TYR A 324 -4.87 -28.86 0.03
C TYR A 324 -3.87 -28.29 1.02
N LEU A 325 -3.93 -26.99 1.32
CA LEU A 325 -2.93 -26.33 2.19
C LEU A 325 -3.62 -25.89 3.47
N PRO A 326 -2.89 -25.84 4.60
CA PRO A 326 -3.50 -25.47 5.87
C PRO A 326 -4.03 -24.02 5.80
N ILE A 327 -5.34 -23.84 5.92
CA ILE A 327 -6.05 -22.53 5.85
C ILE A 327 -5.41 -21.44 6.72
N ASP A 328 -4.86 -21.79 7.89
CA ASP A 328 -4.33 -20.81 8.88
C ASP A 328 -2.98 -20.25 8.43
N LYS A 329 -2.36 -20.83 7.38
CA LYS A 329 -1.04 -20.40 6.87
C LYS A 329 -1.22 -19.66 5.52
N CYS A 330 -2.44 -19.19 5.27
CA CYS A 330 -2.89 -18.60 3.99
C CYS A 330 -3.45 -17.20 4.21
N SER A 331 -2.87 -16.19 3.55
CA SER A 331 -3.49 -14.84 3.50
C SER A 331 -3.84 -14.40 2.07
N ARG A 332 -5.05 -13.84 1.92
CA ARG A 332 -5.51 -13.12 0.71
C ARG A 332 -5.28 -11.62 0.94
N ILE A 333 -4.38 -11.01 0.16
CA ILE A 333 -4.04 -9.56 0.23
C ILE A 333 -5.10 -8.82 -0.56
N ILE A 334 -5.78 -7.86 0.06
CA ILE A 334 -6.92 -7.12 -0.57
C ILE A 334 -6.63 -5.63 -0.47
N PRO A 335 -6.44 -4.92 -1.60
CA PRO A 335 -6.20 -3.48 -1.56
C PRO A 335 -7.43 -2.76 -1.00
N ALA A 336 -7.19 -1.80 -0.08
CA ALA A 336 -8.19 -1.00 0.66
C ALA A 336 -9.18 -0.30 -0.30
N ARG A 337 -8.75 0.01 -1.53
CA ARG A 337 -9.62 0.50 -2.63
C ARG A 337 -10.25 -0.71 -3.32
N ALA A 338 -11.02 -1.52 -2.58
CA ALA A 338 -11.59 -2.82 -3.00
C ALA A 338 -12.60 -2.59 -4.14
N ARG A 339 -12.39 -3.26 -5.28
CA ARG A 339 -13.12 -2.99 -6.54
C ARG A 339 -14.17 -4.10 -6.78
N VAL A 340 -13.73 -5.36 -6.95
CA VAL A 340 -14.63 -6.54 -7.05
C VAL A 340 -14.57 -7.34 -5.75
N GLU A 341 -15.64 -8.06 -5.41
CA GLU A 341 -15.67 -9.06 -4.30
C GLU A 341 -14.67 -10.16 -4.66
N CYS A 342 -13.87 -10.65 -3.71
CA CYS A 342 -12.96 -11.80 -3.93
C CYS A 342 -12.87 -12.71 -2.67
N PHE A 343 -11.81 -13.52 -2.58
CA PHE A 343 -11.77 -14.77 -1.78
C PHE A 343 -11.81 -14.43 -0.28
N ASP A 344 -12.81 -14.98 0.41
CA ASP A 344 -13.24 -14.62 1.80
C ASP A 344 -12.73 -15.61 2.86
N LYS A 345 -12.30 -16.82 2.47
CA LYS A 345 -12.11 -17.97 3.39
C LYS A 345 -10.72 -17.96 4.03
N PHE A 346 -9.81 -17.06 3.63
CA PHE A 346 -8.50 -16.88 4.30
C PHE A 346 -8.51 -15.63 5.18
N LYS A 347 -7.61 -15.55 6.17
CA LYS A 347 -7.20 -14.28 6.82
C LYS A 347 -6.80 -13.29 5.70
N VAL A 348 -7.49 -12.15 5.65
CA VAL A 348 -7.23 -11.01 4.72
C VAL A 348 -6.09 -10.11 5.24
N ASN A 349 -5.05 -9.88 4.43
CA ASN A 349 -4.06 -8.77 4.58
C ASN A 349 -3.01 -9.11 5.64
N SER A 350 -2.73 -10.39 5.84
CA SER A 350 -1.63 -10.87 6.69
C SER A 350 -0.46 -11.26 5.77
N THR A 351 0.40 -10.28 5.48
CA THR A 351 1.58 -10.35 4.57
C THR A 351 2.58 -11.45 4.97
N LEU A 352 2.63 -11.84 6.24
CA LEU A 352 3.74 -12.69 6.76
C LEU A 352 3.29 -14.14 6.96
N GLU A 353 2.04 -14.47 6.58
CA GLU A 353 1.58 -15.88 6.43
C GLU A 353 2.48 -16.59 5.40
N GLN A 354 2.69 -17.90 5.55
CA GLN A 354 3.59 -18.71 4.68
C GLN A 354 3.11 -18.64 3.23
N TYR A 355 1.80 -18.48 3.04
CA TYR A 355 1.08 -18.56 1.75
C TYR A 355 0.32 -17.24 1.58
N VAL A 356 0.70 -16.49 0.53
CA VAL A 356 0.18 -15.13 0.24
C VAL A 356 -0.35 -15.12 -1.20
N PHE A 357 -1.60 -14.71 -1.33
CA PHE A 357 -2.42 -14.76 -2.55
C PHE A 357 -2.84 -13.32 -2.79
N CYS A 358 -2.38 -12.75 -3.89
CA CYS A 358 -2.31 -11.30 -4.13
C CYS A 358 -2.13 -10.98 -5.62
N THR A 359 -3.03 -10.14 -6.15
CA THR A 359 -2.91 -9.56 -7.52
C THR A 359 -1.59 -8.81 -7.62
N VAL A 360 -1.01 -8.72 -8.81
CA VAL A 360 0.29 -8.03 -9.08
C VAL A 360 0.26 -6.61 -8.49
N ASN A 361 -0.80 -5.85 -8.72
CA ASN A 361 -0.83 -4.39 -8.42
C ASN A 361 -0.90 -4.17 -6.91
N ALA A 362 -1.29 -5.16 -6.11
CA ALA A 362 -1.44 -5.05 -4.63
C ALA A 362 -0.23 -5.62 -3.88
N LEU A 363 0.71 -6.25 -4.58
CA LEU A 363 1.86 -6.93 -3.93
C LEU A 363 2.53 -5.99 -2.92
N PRO A 364 2.83 -6.48 -1.71
CA PRO A 364 3.68 -5.73 -0.80
C PRO A 364 5.16 -5.94 -1.17
N GLU A 365 6.02 -5.09 -0.61
CA GLU A 365 7.49 -5.26 -0.67
C GLU A 365 7.83 -6.39 0.30
N THR A 366 8.25 -7.54 -0.21
CA THR A 366 8.52 -8.73 0.64
C THR A 366 9.49 -9.70 -0.06
N THR A 367 9.84 -10.75 0.68
CA THR A 367 10.69 -11.87 0.22
C THR A 367 9.83 -13.14 0.19
N ALA A 368 10.34 -14.15 -0.51
CA ALA A 368 9.67 -15.45 -0.70
C ALA A 368 10.72 -16.48 -1.10
N ASP A 369 10.47 -17.74 -0.77
CA ASP A 369 11.34 -18.86 -1.21
C ASP A 369 10.97 -19.12 -2.68
N ILE A 370 9.66 -19.03 -2.97
CA ILE A 370 9.05 -19.30 -4.29
C ILE A 370 7.98 -18.22 -4.53
N VAL A 371 8.11 -17.54 -5.67
CA VAL A 371 7.01 -16.73 -6.27
C VAL A 371 6.42 -17.57 -7.41
N VAL A 372 5.09 -17.71 -7.35
CA VAL A 372 4.28 -18.35 -8.43
C VAL A 372 3.40 -17.27 -9.02
N PHE A 373 3.68 -16.99 -10.27
CA PHE A 373 2.96 -15.96 -11.07
C PHE A 373 2.18 -16.71 -12.14
N ASP A 374 0.85 -16.68 -11.99
CA ASP A 374 -0.12 -17.50 -12.75
C ASP A 374 -0.73 -16.64 -13.88
N GLU A 375 -1.31 -17.30 -14.88
CA GLU A 375 -2.04 -16.69 -16.02
C GLU A 375 -1.10 -15.68 -16.67
N ILE A 376 0.07 -16.17 -17.05
CA ILE A 376 1.21 -15.36 -17.52
C ILE A 376 0.87 -14.84 -18.93
N SER A 377 0.01 -15.47 -19.70
CA SER A 377 -0.28 -14.90 -21.04
C SER A 377 -0.97 -13.54 -20.84
N MET A 378 -1.63 -13.30 -19.70
CA MET A 378 -2.37 -12.03 -19.40
C MET A 378 -1.44 -10.95 -18.84
N ALA A 379 -0.18 -11.27 -18.60
CA ALA A 379 0.76 -10.33 -17.96
C ALA A 379 1.42 -9.52 -19.08
N THR A 380 1.78 -8.27 -18.75
CA THR A 380 2.58 -7.34 -19.60
C THR A 380 4.00 -7.32 -19.05
N ASN A 381 4.94 -6.77 -19.83
CA ASN A 381 6.32 -6.53 -19.33
C ASN A 381 6.28 -5.59 -18.11
N TYR A 382 5.30 -4.69 -18.00
CA TYR A 382 5.13 -3.79 -16.82
C TYR A 382 4.91 -4.67 -15.56
N ASP A 383 3.93 -5.59 -15.61
CA ASP A 383 3.60 -6.54 -14.50
C ASP A 383 4.84 -7.41 -14.18
N LEU A 384 5.47 -8.01 -15.18
CA LEU A 384 6.69 -8.82 -14.96
C LEU A 384 7.70 -8.02 -14.13
N SER A 385 7.94 -6.74 -14.46
CA SER A 385 8.91 -5.85 -13.75
C SER A 385 8.41 -5.60 -12.32
N VAL A 386 7.15 -5.17 -12.18
CA VAL A 386 6.59 -4.83 -10.83
C VAL A 386 6.83 -6.02 -9.89
N VAL A 387 6.60 -7.23 -10.37
CA VAL A 387 6.75 -8.46 -9.54
C VAL A 387 8.22 -8.55 -9.11
N ASN A 388 9.16 -8.52 -10.05
CA ASN A 388 10.61 -8.61 -9.73
C ASN A 388 11.01 -7.45 -8.79
N ALA A 389 10.31 -6.30 -8.85
CA ALA A 389 10.54 -5.14 -7.97
C ALA A 389 10.07 -5.40 -6.55
N ARG A 390 8.86 -5.92 -6.36
CA ARG A 390 8.23 -6.04 -5.02
C ARG A 390 8.70 -7.33 -4.32
N LEU A 391 9.05 -8.40 -5.06
CA LEU A 391 9.32 -9.75 -4.48
C LEU A 391 10.78 -10.16 -4.70
N ARG A 392 11.54 -10.26 -3.60
CA ARG A 392 12.89 -10.87 -3.55
C ARG A 392 12.70 -12.36 -3.20
N ALA A 393 13.02 -13.24 -4.14
CA ALA A 393 12.64 -14.67 -4.11
C ALA A 393 13.80 -15.57 -4.52
N LYS A 394 13.93 -16.75 -3.89
CA LYS A 394 14.97 -17.73 -4.27
C LYS A 394 14.61 -18.34 -5.63
N HIS A 395 13.30 -18.51 -5.88
CA HIS A 395 12.75 -19.13 -7.12
C HIS A 395 11.47 -18.45 -7.59
N TYR A 396 11.41 -18.21 -8.91
CA TYR A 396 10.28 -17.56 -9.65
C TYR A 396 9.68 -18.59 -10.62
N VAL A 397 8.38 -18.87 -10.50
CA VAL A 397 7.70 -19.85 -11.40
C VAL A 397 6.61 -19.11 -12.18
N TYR A 398 6.71 -19.18 -13.50
CA TYR A 398 5.80 -18.53 -14.46
C TYR A 398 4.91 -19.60 -15.07
N ILE A 399 3.64 -19.54 -14.69
CA ILE A 399 2.60 -20.50 -15.17
C ILE A 399 1.59 -19.80 -16.09
N GLY A 400 1.37 -20.40 -17.25
CA GLY A 400 0.22 -20.08 -18.09
C GLY A 400 0.38 -20.78 -19.41
N ASP A 401 -0.08 -20.14 -20.46
CA ASP A 401 -0.19 -20.76 -21.80
C ASP A 401 -0.16 -19.63 -22.79
N PRO A 402 0.88 -19.56 -23.65
CA PRO A 402 0.91 -18.58 -24.72
C PRO A 402 -0.06 -18.92 -25.86
N ALA A 403 -0.74 -20.07 -25.82
CA ALA A 403 -1.82 -20.38 -26.79
C ALA A 403 -3.15 -19.82 -26.27
N GLN A 404 -3.16 -19.18 -25.09
CA GLN A 404 -4.37 -18.49 -24.58
C GLN A 404 -4.26 -16.96 -24.74
N LEU A 405 -5.20 -16.24 -24.13
CA LEU A 405 -5.45 -14.81 -24.45
C LEU A 405 -4.47 -13.90 -23.72
N PRO A 406 -3.97 -12.85 -24.43
CA PRO A 406 -3.15 -11.81 -23.82
C PRO A 406 -4.00 -10.69 -23.20
N ALA A 407 -3.35 -9.80 -22.43
CA ALA A 407 -3.98 -8.54 -21.94
C ALA A 407 -4.38 -7.73 -23.15
N PRO A 408 -5.57 -7.11 -23.14
CA PRO A 408 -5.99 -6.26 -24.24
C PRO A 408 -4.94 -5.13 -24.34
N ARG A 409 -4.46 -4.86 -25.55
CA ARG A 409 -3.68 -3.63 -25.87
C ARG A 409 -4.62 -2.59 -26.48
N THR A 410 -5.23 -1.75 -25.64
CA THR A 410 -6.21 -0.71 -26.02
C THR A 410 -5.69 0.21 -27.13
N LEU A 411 -4.38 0.52 -27.19
CA LEU A 411 -3.81 1.43 -28.23
C LEU A 411 -3.55 0.70 -29.55
N LEU A 412 -3.42 -0.63 -29.55
CA LEU A 412 -3.07 -1.43 -30.76
C LEU A 412 -4.29 -1.59 -31.66
N THR A 413 -4.24 -1.07 -32.89
CA THR A 413 -5.33 -1.16 -33.91
C THR A 413 -4.81 -1.78 -35.21
N LYS A 414 -3.50 -1.77 -35.46
CA LYS A 414 -2.96 -2.28 -36.74
C LYS A 414 -2.03 -3.46 -36.47
N GLY A 415 -2.20 -4.57 -37.20
CA GLY A 415 -1.43 -5.81 -37.03
C GLY A 415 -1.92 -6.61 -35.83
N THR A 416 -1.54 -7.88 -35.79
CA THR A 416 -1.95 -8.79 -34.68
C THR A 416 -0.69 -9.09 -33.88
N LEU A 417 -0.85 -9.06 -32.56
CA LEU A 417 0.21 -9.42 -31.60
C LEU A 417 0.27 -10.96 -31.48
N GLU A 418 1.29 -11.57 -32.09
CA GLU A 418 1.61 -13.01 -31.94
C GLU A 418 2.02 -13.30 -30.49
N PRO A 419 1.74 -14.53 -29.98
CA PRO A 419 2.05 -14.94 -28.61
C PRO A 419 3.50 -14.79 -28.13
N GLU A 420 4.47 -14.90 -29.04
CA GLU A 420 5.90 -14.66 -28.73
C GLU A 420 6.18 -13.20 -28.37
N TYR A 421 5.24 -12.27 -28.55
CA TYR A 421 5.47 -10.84 -28.21
C TYR A 421 4.56 -10.40 -27.05
N PHE A 422 3.83 -11.33 -26.43
CA PHE A 422 2.90 -11.06 -25.32
C PHE A 422 3.70 -10.46 -24.16
N ASN A 423 4.85 -11.05 -23.84
CA ASN A 423 5.73 -10.61 -22.72
C ASN A 423 7.00 -11.43 -22.77
N SER A 424 7.94 -11.21 -21.85
CA SER A 424 9.25 -11.92 -21.84
C SER A 424 9.04 -13.43 -21.64
N VAL A 425 8.11 -13.82 -20.76
CA VAL A 425 7.89 -15.25 -20.44
C VAL A 425 7.39 -15.91 -21.72
N CYS A 426 6.36 -15.35 -22.36
CA CYS A 426 5.72 -15.97 -23.54
C CYS A 426 6.73 -16.01 -24.69
N ARG A 427 7.62 -15.03 -24.78
CA ARG A 427 8.67 -15.03 -25.83
C ARG A 427 9.59 -16.23 -25.63
N LEU A 428 10.02 -16.46 -24.39
CA LEU A 428 10.86 -17.64 -24.03
C LEU A 428 10.07 -18.91 -24.35
N MET A 429 8.80 -19.00 -23.93
CA MET A 429 8.00 -20.24 -24.18
C MET A 429 7.83 -20.47 -25.69
N LYS A 430 7.85 -19.42 -26.52
CA LYS A 430 7.58 -19.60 -27.97
C LYS A 430 8.88 -19.74 -28.75
N THR A 431 10.03 -19.48 -28.14
CA THR A 431 11.36 -19.49 -28.82
C THR A 431 12.17 -20.73 -28.39
N ILE A 432 12.55 -20.83 -27.12
CA ILE A 432 13.41 -21.92 -26.56
C ILE A 432 12.52 -22.98 -25.92
N GLY A 433 11.20 -22.77 -25.92
CA GLY A 433 10.25 -23.71 -25.31
C GLY A 433 10.08 -23.44 -23.81
N PRO A 434 9.02 -24.00 -23.22
CA PRO A 434 8.80 -23.85 -21.78
C PRO A 434 9.75 -24.83 -21.03
N ASP A 435 10.02 -24.60 -19.75
CA ASP A 435 10.90 -25.52 -18.95
C ASP A 435 10.14 -26.83 -18.73
N MET A 436 8.83 -26.69 -18.59
CA MET A 436 7.90 -27.76 -18.19
C MET A 436 6.63 -27.56 -19.04
N PHE A 437 6.04 -28.65 -19.51
CA PHE A 437 4.78 -28.67 -20.29
C PHE A 437 3.85 -29.71 -19.67
N LEU A 438 2.67 -29.30 -19.18
CA LEU A 438 1.60 -30.26 -18.77
C LEU A 438 0.83 -30.72 -20.03
N GLY A 439 0.97 -31.99 -20.39
CA GLY A 439 0.64 -32.49 -21.74
C GLY A 439 -0.70 -33.21 -21.84
N THR A 440 -1.45 -33.40 -20.75
CA THR A 440 -2.69 -34.21 -20.83
C THR A 440 -3.83 -33.33 -20.33
N CYS A 441 -4.74 -33.00 -21.23
CA CYS A 441 -6.00 -32.29 -20.88
C CYS A 441 -6.97 -33.28 -20.21
N ARG A 442 -7.35 -33.06 -18.96
CA ARG A 442 -8.31 -33.91 -18.23
C ARG A 442 -9.69 -33.24 -18.22
N ARG A 443 -9.86 -32.07 -18.83
CA ARG A 443 -11.16 -31.35 -18.76
C ARG A 443 -12.09 -31.76 -19.91
N CYS A 444 -11.59 -31.79 -21.15
CA CYS A 444 -12.40 -31.59 -22.38
C CYS A 444 -12.59 -32.90 -23.12
N PRO A 445 -13.79 -33.14 -23.69
CA PRO A 445 -14.00 -34.31 -24.52
C PRO A 445 -12.87 -34.33 -25.54
N ALA A 446 -12.44 -35.51 -25.96
CA ALA A 446 -11.35 -35.68 -26.94
C ALA A 446 -11.55 -34.85 -28.24
N GLU A 447 -12.79 -34.57 -28.64
CA GLU A 447 -13.09 -33.83 -29.90
C GLU A 447 -12.40 -32.46 -29.84
N ILE A 448 -12.47 -31.83 -28.68
CA ILE A 448 -11.91 -30.49 -28.39
C ILE A 448 -10.40 -30.61 -28.24
N VAL A 449 -9.94 -31.57 -27.44
CA VAL A 449 -8.48 -31.76 -27.20
C VAL A 449 -7.79 -31.97 -28.55
N ASP A 450 -8.32 -32.84 -29.40
CA ASP A 450 -7.69 -33.14 -30.71
C ASP A 450 -7.70 -31.87 -31.58
N THR A 451 -8.77 -31.07 -31.56
CA THR A 451 -8.87 -29.86 -32.42
C THR A 451 -7.80 -28.85 -31.98
N VAL A 452 -7.75 -28.54 -30.68
CA VAL A 452 -6.80 -27.51 -30.20
C VAL A 452 -5.37 -28.04 -30.19
N SER A 453 -5.14 -29.34 -30.05
CA SER A 453 -3.77 -29.93 -30.08
C SER A 453 -3.22 -29.69 -31.49
N ALA A 454 -4.03 -29.93 -32.52
CA ALA A 454 -3.55 -29.69 -33.91
C ALA A 454 -3.39 -28.18 -34.12
N LEU A 455 -4.23 -27.35 -33.47
CA LEU A 455 -4.37 -25.90 -33.81
C LEU A 455 -3.19 -25.13 -33.23
N VAL A 456 -2.89 -25.29 -31.93
CA VAL A 456 -1.96 -24.35 -31.25
C VAL A 456 -0.89 -25.09 -30.45
N TYR A 457 -0.93 -26.42 -30.34
CA TYR A 457 -0.03 -27.19 -29.45
C TYR A 457 0.86 -28.16 -30.22
N ASP A 458 0.98 -28.01 -31.54
CA ASP A 458 1.79 -28.88 -32.43
C ASP A 458 1.56 -30.33 -31.99
N ASN A 459 0.29 -30.71 -31.84
CA ASN A 459 -0.12 -32.11 -31.62
C ASN A 459 0.52 -32.71 -30.37
N LYS A 460 0.90 -31.90 -29.37
CA LYS A 460 1.57 -32.37 -28.14
C LYS A 460 0.58 -32.44 -26.97
N LEU A 461 -0.66 -31.98 -27.16
CA LEU A 461 -1.69 -32.06 -26.10
C LEU A 461 -2.50 -33.33 -26.30
N LYS A 462 -2.59 -34.16 -25.25
CA LYS A 462 -3.28 -35.47 -25.30
C LYS A 462 -4.62 -35.35 -24.57
N ALA A 463 -5.62 -36.09 -25.06
CA ALA A 463 -6.97 -36.23 -24.45
C ALA A 463 -6.89 -37.29 -23.36
N HIS A 464 -7.31 -36.99 -22.14
CA HIS A 464 -7.55 -38.03 -21.11
C HIS A 464 -8.96 -38.58 -21.26
N LYS A 465 -9.96 -37.71 -21.42
CA LYS A 465 -11.37 -38.11 -21.62
C LYS A 465 -11.48 -38.74 -23.01
N ASP A 466 -12.51 -39.56 -23.20
CA ASP A 466 -12.96 -40.10 -24.51
C ASP A 466 -13.64 -38.94 -25.23
N LYS A 467 -13.86 -39.07 -26.54
CA LYS A 467 -14.90 -38.33 -27.28
C LYS A 467 -16.23 -38.41 -26.53
N SER A 468 -16.91 -37.28 -26.34
CA SER A 468 -18.19 -37.18 -25.61
C SER A 468 -19.36 -37.51 -26.53
N ALA A 469 -19.18 -37.37 -27.86
CA ALA A 469 -20.26 -37.37 -28.87
C ALA A 469 -21.31 -36.29 -28.54
N GLN A 470 -20.89 -35.23 -27.85
CA GLN A 470 -21.74 -34.07 -27.50
C GLN A 470 -21.07 -32.77 -28.00
N CYS A 471 -20.27 -32.86 -29.08
CA CYS A 471 -19.50 -31.74 -29.68
C CYS A 471 -19.97 -31.57 -31.11
N PHE A 472 -20.73 -30.50 -31.36
CA PHE A 472 -21.40 -30.24 -32.67
C PHE A 472 -20.90 -28.90 -33.23
N LYS A 473 -20.84 -28.84 -34.55
CA LYS A 473 -20.43 -27.64 -35.30
C LYS A 473 -21.54 -27.38 -36.30
N MET A 474 -21.88 -26.12 -36.49
CA MET A 474 -22.78 -25.73 -37.59
C MET A 474 -22.13 -24.51 -38.23
N PHE A 475 -22.07 -24.53 -39.54
CA PHE A 475 -21.56 -23.44 -40.39
C PHE A 475 -22.77 -22.61 -40.82
N TYR A 476 -22.97 -21.48 -40.14
CA TYR A 476 -24.12 -20.58 -40.35
C TYR A 476 -23.68 -19.12 -40.20
N LYS A 477 -23.42 -18.46 -41.34
CA LYS A 477 -22.91 -17.05 -41.40
C LYS A 477 -23.95 -16.07 -40.82
N GLY A 478 -25.24 -16.35 -40.95
CA GLY A 478 -26.27 -15.49 -40.37
C GLY A 478 -26.20 -14.11 -41.02
N VAL A 479 -26.36 -13.07 -40.21
CA VAL A 479 -26.45 -11.65 -40.62
C VAL A 479 -25.77 -10.89 -39.50
N ILE A 480 -24.82 -10.02 -39.82
CA ILE A 480 -24.03 -9.34 -38.76
C ILE A 480 -24.55 -7.90 -38.69
N THR A 481 -25.12 -7.56 -37.53
CA THR A 481 -25.48 -6.19 -37.13
C THR A 481 -24.42 -5.76 -36.11
N HIS A 482 -24.40 -4.48 -35.79
CA HIS A 482 -23.35 -3.88 -34.94
C HIS A 482 -23.98 -2.87 -33.99
N ASP A 483 -23.68 -2.94 -32.71
CA ASP A 483 -23.94 -1.83 -31.77
C ASP A 483 -22.61 -1.09 -31.69
N VAL A 484 -22.51 0.02 -32.40
CA VAL A 484 -21.23 0.73 -32.66
C VAL A 484 -20.36 -0.19 -33.52
N SER A 485 -19.29 -0.77 -32.94
CA SER A 485 -18.29 -1.71 -33.53
C SER A 485 -18.47 -3.13 -33.01
N SER A 486 -19.31 -3.32 -31.97
CA SER A 486 -19.53 -4.65 -31.33
C SER A 486 -20.51 -5.42 -32.20
N ALA A 487 -20.18 -6.68 -32.52
CA ALA A 487 -20.96 -7.49 -33.48
C ALA A 487 -22.11 -8.21 -32.77
N ILE A 488 -23.19 -8.37 -33.50
CA ILE A 488 -24.40 -9.15 -33.11
C ILE A 488 -24.77 -10.02 -34.31
N ASN A 489 -25.21 -11.25 -34.06
CA ASN A 489 -25.70 -12.18 -35.11
C ASN A 489 -26.98 -12.82 -34.60
N ARG A 490 -28.12 -12.14 -34.77
CA ARG A 490 -29.44 -12.62 -34.33
C ARG A 490 -29.70 -14.00 -34.93
N PRO A 491 -29.53 -14.20 -36.26
CA PRO A 491 -29.79 -15.51 -36.81
C PRO A 491 -28.93 -16.62 -36.11
N GLN A 492 -27.69 -16.35 -35.72
CA GLN A 492 -26.88 -17.40 -35.03
C GLN A 492 -27.55 -17.71 -33.70
N ILE A 493 -28.10 -16.70 -33.05
CA ILE A 493 -28.84 -16.91 -31.77
C ILE A 493 -30.15 -17.66 -32.06
N GLY A 494 -30.73 -17.46 -33.25
CA GLY A 494 -31.97 -18.11 -33.68
C GLY A 494 -31.77 -19.60 -33.85
N VAL A 495 -30.68 -19.96 -34.52
CA VAL A 495 -30.21 -21.37 -34.64
C VAL A 495 -30.04 -22.00 -33.25
N VAL A 496 -29.41 -21.31 -32.29
CA VAL A 496 -29.19 -21.83 -30.91
C VAL A 496 -30.55 -22.12 -30.30
N ARG A 497 -31.46 -21.14 -30.32
CA ARG A 497 -32.83 -21.27 -29.79
C ARG A 497 -33.46 -22.52 -30.43
N GLU A 498 -33.38 -22.69 -31.76
CA GLU A 498 -33.95 -23.87 -32.44
C GLU A 498 -33.31 -25.12 -31.83
N PHE A 499 -31.99 -25.15 -31.69
CA PHE A 499 -31.24 -26.30 -31.16
C PHE A 499 -31.68 -26.62 -29.71
N LEU A 500 -31.81 -25.61 -28.86
CA LEU A 500 -32.15 -25.82 -27.43
C LEU A 500 -33.51 -26.52 -27.29
N THR A 501 -34.49 -26.23 -28.16
CA THR A 501 -35.84 -26.89 -28.13
C THR A 501 -35.71 -28.40 -28.33
N ARG A 502 -34.64 -28.90 -28.97
CA ARG A 502 -34.48 -30.33 -29.36
C ARG A 502 -33.39 -30.98 -28.52
N ASN A 503 -32.74 -30.21 -27.67
CA ASN A 503 -31.50 -30.63 -26.99
C ASN A 503 -31.59 -30.15 -25.54
N PRO A 504 -32.61 -30.59 -24.76
CA PRO A 504 -32.93 -29.99 -23.45
C PRO A 504 -31.79 -30.12 -22.45
N ALA A 505 -30.89 -31.07 -22.67
CA ALA A 505 -29.64 -31.28 -21.90
C ALA A 505 -28.84 -29.97 -21.82
N TRP A 506 -29.01 -29.09 -22.81
CA TRP A 506 -28.16 -27.88 -23.00
C TRP A 506 -28.79 -26.65 -22.37
N ARG A 507 -29.98 -26.77 -21.78
CA ARG A 507 -30.69 -25.67 -21.07
C ARG A 507 -29.77 -25.04 -20.03
N LYS A 508 -28.75 -25.77 -19.60
CA LYS A 508 -27.79 -25.37 -18.54
C LYS A 508 -26.51 -24.80 -19.19
N ALA A 509 -26.46 -24.70 -20.53
CA ALA A 509 -25.22 -24.34 -21.26
C ALA A 509 -24.86 -22.90 -20.92
N VAL A 510 -23.58 -22.57 -20.91
CA VAL A 510 -23.09 -21.18 -20.90
C VAL A 510 -22.97 -20.76 -22.35
N PHE A 511 -23.54 -19.61 -22.72
CA PHE A 511 -23.47 -18.94 -24.05
C PHE A 511 -22.21 -18.08 -24.08
N ILE A 512 -21.36 -18.31 -25.09
CA ILE A 512 -20.04 -17.65 -25.26
C ILE A 512 -19.93 -17.17 -26.70
N SER A 513 -19.40 -15.98 -26.86
CA SER A 513 -19.21 -15.27 -28.14
C SER A 513 -18.05 -14.31 -27.98
N PRO A 514 -17.37 -13.94 -29.07
CA PRO A 514 -16.30 -12.97 -28.96
C PRO A 514 -16.80 -11.52 -28.72
N TYR A 515 -18.11 -11.29 -28.50
CA TYR A 515 -18.71 -9.92 -28.45
C TYR A 515 -19.77 -9.79 -27.34
N ASN A 516 -19.53 -8.85 -26.42
CA ASN A 516 -20.48 -8.38 -25.37
C ASN A 516 -21.86 -8.14 -25.94
N SER A 517 -21.94 -7.54 -27.12
CA SER A 517 -23.25 -7.14 -27.66
C SER A 517 -24.03 -8.40 -28.04
N GLN A 518 -23.41 -9.37 -28.73
CA GLN A 518 -24.03 -10.69 -29.07
C GLN A 518 -24.52 -11.33 -27.76
N ASN A 519 -23.67 -11.30 -26.73
CA ASN A 519 -24.01 -11.85 -25.39
C ASN A 519 -25.25 -11.14 -24.84
N ALA A 520 -25.38 -9.82 -24.98
CA ALA A 520 -26.54 -9.08 -24.41
C ALA A 520 -27.80 -9.56 -25.11
N VAL A 521 -27.74 -9.77 -26.42
CA VAL A 521 -28.89 -10.29 -27.21
C VAL A 521 -29.19 -11.78 -26.86
N ALA A 522 -28.19 -12.65 -26.90
CA ALA A 522 -28.30 -14.06 -26.44
C ALA A 522 -28.92 -14.11 -25.03
N SER A 523 -28.53 -13.22 -24.12
CA SER A 523 -29.08 -13.17 -22.73
C SER A 523 -30.61 -13.02 -22.76
N LYS A 524 -31.15 -12.00 -23.45
CA LYS A 524 -32.60 -11.72 -23.56
C LYS A 524 -33.31 -12.88 -24.28
N ILE A 525 -32.82 -13.38 -25.40
CA ILE A 525 -33.58 -14.37 -26.21
C ILE A 525 -33.47 -15.78 -25.60
N LEU A 526 -32.29 -16.20 -25.18
CA LEU A 526 -32.01 -17.58 -24.68
C LEU A 526 -32.18 -17.68 -23.15
N GLY A 527 -31.80 -16.67 -22.39
CA GLY A 527 -31.87 -16.73 -20.91
C GLY A 527 -30.75 -17.56 -20.34
N LEU A 528 -29.77 -17.98 -21.16
CA LEU A 528 -28.56 -18.69 -20.68
C LEU A 528 -27.65 -17.69 -20.00
N PRO A 529 -26.85 -18.07 -18.99
CA PRO A 529 -25.75 -17.22 -18.55
C PRO A 529 -24.80 -17.11 -19.75
N THR A 530 -23.96 -16.09 -19.72
CA THR A 530 -23.30 -15.50 -20.90
C THR A 530 -21.87 -15.14 -20.50
N GLN A 531 -20.92 -15.34 -21.40
CA GLN A 531 -19.50 -15.02 -21.16
C GLN A 531 -18.93 -14.62 -22.51
N THR A 532 -18.06 -13.60 -22.54
CA THR A 532 -17.19 -13.36 -23.71
C THR A 532 -16.14 -14.45 -23.64
N VAL A 533 -15.54 -14.79 -24.75
CA VAL A 533 -14.39 -15.72 -24.71
C VAL A 533 -13.35 -15.27 -23.68
N ASP A 534 -13.01 -13.99 -23.66
CA ASP A 534 -11.91 -13.39 -22.85
C ASP A 534 -12.28 -13.52 -21.36
N SER A 535 -13.51 -13.19 -20.95
CA SER A 535 -13.95 -13.43 -19.55
C SER A 535 -14.15 -14.94 -19.27
N SER A 536 -14.35 -15.81 -20.28
CA SER A 536 -14.50 -17.27 -20.08
C SER A 536 -13.18 -17.91 -19.65
N GLN A 537 -12.04 -17.44 -20.17
CA GLN A 537 -10.69 -18.01 -19.89
C GLN A 537 -10.48 -18.28 -18.37
N GLY A 538 -9.99 -19.47 -18.00
CA GLY A 538 -9.80 -19.94 -16.62
C GLY A 538 -11.00 -20.69 -16.02
N SER A 539 -12.18 -20.60 -16.63
CA SER A 539 -13.42 -21.25 -16.17
C SER A 539 -13.73 -22.48 -17.03
N GLU A 540 -14.59 -23.35 -16.51
CA GLU A 540 -15.08 -24.54 -17.24
C GLU A 540 -16.56 -24.72 -16.90
N TYR A 541 -17.28 -25.30 -17.84
CA TYR A 541 -18.74 -25.49 -17.78
C TYR A 541 -18.98 -26.82 -18.47
N ASP A 542 -20.00 -27.55 -18.01
CA ASP A 542 -20.39 -28.85 -18.61
C ASP A 542 -20.65 -28.62 -20.09
N TYR A 543 -21.42 -27.61 -20.41
CA TYR A 543 -21.98 -27.38 -21.75
C TYR A 543 -21.73 -25.94 -22.16
N VAL A 544 -21.34 -25.77 -23.43
CA VAL A 544 -20.98 -24.43 -23.97
C VAL A 544 -21.68 -24.31 -25.31
N ILE A 545 -22.27 -23.15 -25.57
CA ILE A 545 -22.71 -22.74 -26.92
C ILE A 545 -21.85 -21.54 -27.31
N PHE A 546 -21.14 -21.66 -28.43
CA PHE A 546 -20.29 -20.61 -29.04
C PHE A 546 -20.91 -20.19 -30.38
N THR A 547 -21.19 -18.92 -30.53
CA THR A 547 -21.57 -18.25 -31.81
C THR A 547 -20.37 -17.40 -32.17
N GLN A 548 -19.70 -17.71 -33.27
CA GLN A 548 -18.53 -16.94 -33.75
C GLN A 548 -18.92 -15.48 -34.02
N THR A 549 -20.16 -15.25 -34.42
CA THR A 549 -20.82 -13.92 -34.64
C THR A 549 -20.39 -13.33 -35.97
N THR A 550 -19.09 -13.22 -36.23
CA THR A 550 -18.49 -12.51 -37.38
C THR A 550 -17.26 -13.27 -37.86
N GLU A 551 -16.86 -13.04 -39.10
CA GLU A 551 -15.49 -13.36 -39.58
C GLU A 551 -14.67 -12.08 -39.46
N THR A 552 -14.03 -11.87 -38.31
CA THR A 552 -13.00 -10.85 -38.09
C THR A 552 -11.74 -11.48 -37.52
N ALA A 553 -10.68 -10.69 -37.49
CA ALA A 553 -9.39 -11.11 -36.96
C ALA A 553 -9.61 -11.45 -35.48
N HIS A 554 -10.45 -10.67 -34.81
CA HIS A 554 -10.86 -10.87 -33.39
C HIS A 554 -11.50 -12.25 -33.21
N SER A 555 -12.49 -12.57 -34.02
CA SER A 555 -13.33 -13.79 -33.87
C SER A 555 -12.61 -15.02 -34.43
N CYS A 556 -11.66 -14.83 -35.35
CA CYS A 556 -10.90 -15.91 -36.01
C CYS A 556 -9.54 -16.12 -35.35
N ASN A 557 -9.23 -15.37 -34.30
CA ASN A 557 -7.95 -15.47 -33.60
C ASN A 557 -7.88 -16.85 -32.92
N VAL A 558 -6.79 -17.59 -33.19
CA VAL A 558 -6.65 -19.02 -32.78
C VAL A 558 -6.51 -19.08 -31.27
N ASN A 559 -5.88 -18.10 -30.62
CA ASN A 559 -5.80 -18.16 -29.15
C ASN A 559 -7.21 -18.06 -28.60
N ARG A 560 -8.01 -17.11 -29.09
CA ARG A 560 -9.40 -16.90 -28.61
C ARG A 560 -10.23 -18.12 -28.99
N PHE A 561 -10.04 -18.66 -30.20
CA PHE A 561 -10.79 -19.87 -30.60
C PHE A 561 -10.46 -21.02 -29.63
N ASN A 562 -9.17 -21.28 -29.42
CA ASN A 562 -8.64 -22.21 -28.38
C ASN A 562 -9.36 -22.04 -27.05
N VAL A 563 -9.26 -20.88 -26.40
CA VAL A 563 -9.95 -20.64 -25.09
C VAL A 563 -11.44 -20.97 -25.23
N ALA A 564 -12.11 -20.49 -26.28
CA ALA A 564 -13.58 -20.62 -26.45
C ALA A 564 -14.01 -22.08 -26.23
N ILE A 565 -13.39 -23.01 -26.96
CA ILE A 565 -13.91 -24.38 -27.10
C ILE A 565 -13.37 -25.26 -25.99
N THR A 566 -12.27 -24.88 -25.33
CA THR A 566 -11.68 -25.61 -24.16
C THR A 566 -12.35 -25.18 -22.86
N ARG A 567 -13.45 -24.45 -22.89
CA ARG A 567 -14.21 -24.20 -21.64
C ARG A 567 -15.06 -25.43 -21.24
N ALA A 568 -15.42 -26.30 -22.19
CA ALA A 568 -16.45 -27.34 -22.08
C ALA A 568 -15.89 -28.63 -21.47
N LYS A 569 -16.60 -29.16 -20.46
CA LYS A 569 -16.27 -30.45 -19.82
C LYS A 569 -16.94 -31.63 -20.55
N VAL A 570 -18.09 -31.40 -21.19
CA VAL A 570 -18.98 -32.49 -21.67
C VAL A 570 -19.39 -32.23 -23.12
N GLY A 571 -20.09 -31.12 -23.38
CA GLY A 571 -20.54 -30.79 -24.74
C GLY A 571 -20.24 -29.37 -25.19
N ILE A 572 -20.17 -29.17 -26.50
CA ILE A 572 -20.11 -27.82 -27.09
C ILE A 572 -20.87 -27.82 -28.42
N LEU A 573 -21.61 -26.73 -28.65
CA LEU A 573 -22.15 -26.37 -29.98
C LEU A 573 -21.41 -25.15 -30.50
N CYS A 574 -20.85 -25.20 -31.72
CA CYS A 574 -20.15 -24.07 -32.34
C CYS A 574 -20.91 -23.68 -33.58
N ILE A 575 -21.54 -22.52 -33.55
CA ILE A 575 -22.11 -21.88 -34.76
C ILE A 575 -21.00 -21.00 -35.28
N MET A 576 -20.46 -21.36 -36.42
CA MET A 576 -19.22 -20.83 -37.04
C MET A 576 -19.55 -19.95 -38.25
N SER A 577 -18.72 -18.92 -38.45
CA SER A 577 -18.73 -17.99 -39.62
C SER A 577 -17.52 -18.28 -40.51
N ASP A 578 -16.48 -18.85 -39.94
CA ASP A 578 -15.16 -19.04 -40.59
C ASP A 578 -15.01 -20.48 -41.08
N ARG A 579 -14.84 -20.66 -42.40
CA ARG A 579 -14.75 -21.98 -43.08
C ARG A 579 -13.57 -22.78 -42.52
N ASP A 580 -12.40 -22.17 -42.47
CA ASP A 580 -11.16 -22.75 -41.92
C ASP A 580 -11.43 -23.24 -40.50
N LEU A 581 -11.85 -22.38 -39.58
CA LEU A 581 -12.00 -22.83 -38.16
C LEU A 581 -13.12 -23.86 -38.06
N TYR A 582 -14.24 -23.66 -38.77
CA TYR A 582 -15.31 -24.68 -38.91
C TYR A 582 -14.71 -26.04 -39.34
N ASP A 583 -13.97 -26.08 -40.44
CA ASP A 583 -13.49 -27.38 -40.99
C ASP A 583 -12.59 -28.08 -39.95
N LYS A 584 -11.78 -27.32 -39.21
CA LYS A 584 -10.83 -27.87 -38.22
C LYS A 584 -11.55 -28.42 -36.98
N LEU A 585 -12.75 -27.95 -36.63
CA LEU A 585 -13.45 -28.59 -35.50
C LEU A 585 -13.71 -30.07 -35.85
N GLN A 586 -13.13 -30.98 -35.08
CA GLN A 586 -13.30 -32.46 -35.16
C GLN A 586 -14.58 -32.81 -34.43
N PHE A 587 -15.69 -32.23 -34.89
CA PHE A 587 -17.03 -32.32 -34.26
C PHE A 587 -17.97 -32.91 -35.29
N THR A 588 -19.08 -33.44 -34.83
CA THR A 588 -20.22 -33.79 -35.68
C THR A 588 -20.84 -32.49 -36.22
N SER A 589 -21.00 -32.38 -37.54
CA SER A 589 -21.75 -31.24 -38.13
C SER A 589 -23.25 -31.53 -37.99
N LEU A 590 -24.01 -30.46 -37.74
CA LEU A 590 -25.49 -30.43 -37.82
C LEU A 590 -25.92 -29.73 -39.11
N GLU A 591 -27.23 -29.58 -39.30
CA GLU A 591 -27.80 -28.75 -40.41
C GLU A 591 -29.13 -28.12 -39.98
N ILE A 592 -29.51 -27.02 -40.67
CA ILE A 592 -30.89 -26.45 -40.72
C ILE A 592 -30.93 -25.39 -41.82
N VAL B 2 13.71 -19.98 11.06
CA VAL B 2 15.09 -19.83 11.63
C VAL B 2 15.48 -18.34 11.64
N GLY B 3 16.21 -17.88 12.66
CA GLY B 3 16.54 -16.46 12.85
C GLY B 3 17.23 -16.24 14.17
N ALA B 4 17.27 -14.99 14.62
CA ALA B 4 18.15 -14.46 15.70
C ALA B 4 17.41 -14.37 17.05
N CYS B 5 18.06 -14.83 18.11
CA CYS B 5 17.52 -14.86 19.50
C CYS B 5 17.43 -13.43 20.04
N VAL B 6 16.22 -12.93 20.29
CA VAL B 6 15.95 -11.53 20.74
C VAL B 6 16.67 -11.22 22.05
N LEU B 7 17.33 -12.17 22.71
CA LEU B 7 18.14 -11.86 23.93
C LEU B 7 19.65 -12.06 23.69
N CYS B 8 20.00 -13.02 22.83
CA CYS B 8 21.39 -13.52 22.57
C CYS B 8 21.88 -13.11 21.19
N ASN B 9 20.98 -13.21 20.21
CA ASN B 9 21.24 -13.10 18.76
C ASN B 9 21.59 -14.49 18.24
N SER B 10 22.09 -15.37 19.12
CA SER B 10 22.32 -16.80 18.82
C SER B 10 21.39 -17.24 17.69
N GLN B 11 21.94 -17.77 16.59
CA GLN B 11 21.15 -18.45 15.52
C GLN B 11 20.19 -19.37 16.26
N THR B 12 18.98 -19.60 15.74
CA THR B 12 17.96 -20.47 16.40
C THR B 12 16.92 -20.96 15.40
N SER B 13 16.26 -22.07 15.73
CA SER B 13 15.13 -22.70 15.01
C SER B 13 13.83 -22.56 15.83
N LEU B 14 13.90 -21.90 16.98
CA LEU B 14 12.79 -21.85 17.97
C LEU B 14 12.16 -20.45 17.96
N ARG B 15 10.82 -20.41 17.86
CA ARG B 15 9.97 -19.24 18.23
C ARG B 15 8.99 -19.63 19.35
N CYS B 16 8.93 -18.86 20.44
CA CYS B 16 7.85 -18.96 21.48
C CYS B 16 6.49 -18.71 20.84
N GLY B 17 5.64 -19.73 20.80
CA GLY B 17 4.33 -19.70 20.13
C GLY B 17 3.25 -19.08 20.99
N ALA B 18 3.53 -18.78 22.28
CA ALA B 18 2.55 -18.17 23.20
C ALA B 18 2.69 -16.63 23.15
N CYS B 19 3.93 -16.12 23.05
CA CYS B 19 4.25 -14.71 22.67
C CYS B 19 3.48 -14.30 21.41
N ILE B 20 2.81 -13.15 21.41
CA ILE B 20 1.95 -12.75 20.26
C ILE B 20 2.83 -12.44 19.05
N ARG B 21 4.09 -12.02 19.22
CA ARG B 21 5.01 -11.74 18.08
C ARG B 21 5.87 -12.95 17.67
N ARG B 22 5.84 -14.09 18.40
CA ARG B 22 6.65 -15.29 18.05
C ARG B 22 8.12 -14.93 17.95
N PRO B 23 8.74 -14.38 18.99
CA PRO B 23 10.14 -14.01 18.89
C PRO B 23 10.99 -15.28 18.82
N PHE B 24 11.87 -15.39 17.82
CA PHE B 24 13.01 -16.34 17.82
C PHE B 24 13.69 -16.28 19.19
N LEU B 25 13.75 -17.44 19.86
CA LEU B 25 14.49 -17.64 21.13
C LEU B 25 15.48 -18.82 20.96
N CYS B 26 16.72 -18.66 21.43
CA CYS B 26 17.76 -19.73 21.38
C CYS B 26 17.47 -20.79 22.45
N CYS B 27 17.90 -22.01 22.17
CA CYS B 27 17.79 -23.19 23.07
C CYS B 27 17.83 -22.75 24.54
N LYS B 28 18.83 -21.97 24.95
CA LYS B 28 18.97 -21.60 26.39
C LYS B 28 17.87 -20.60 26.76
N CYS B 29 17.65 -19.58 25.93
CA CYS B 29 16.76 -18.43 26.26
C CYS B 29 15.30 -18.90 26.08
N CYS B 30 15.00 -19.81 25.14
CA CYS B 30 13.65 -20.40 24.96
C CYS B 30 13.23 -21.19 26.22
N TYR B 31 14.19 -21.89 26.84
CA TYR B 31 14.02 -22.74 28.04
C TYR B 31 13.77 -21.87 29.27
N ASP B 32 14.66 -20.89 29.50
CA ASP B 32 14.50 -19.97 30.66
C ASP B 32 13.15 -19.26 30.55
N HIS B 33 12.60 -19.06 29.33
CA HIS B 33 11.30 -18.36 29.10
C HIS B 33 10.13 -19.28 29.51
N VAL B 34 10.07 -20.48 28.93
CA VAL B 34 8.98 -21.47 29.17
C VAL B 34 8.93 -21.86 30.64
N ILE B 35 10.06 -22.08 31.32
CA ILE B 35 10.05 -22.60 32.72
C ILE B 35 9.68 -21.47 33.69
N SER B 36 9.79 -20.20 33.31
CA SER B 36 9.57 -19.06 34.24
C SER B 36 8.28 -18.30 33.91
N THR B 37 7.51 -18.73 32.91
CA THR B 37 6.21 -18.14 32.49
C THR B 37 5.21 -19.25 32.15
N SER B 38 3.96 -18.88 31.81
CA SER B 38 2.86 -19.78 31.34
C SER B 38 3.01 -20.06 29.85
N HIS B 39 3.98 -19.44 29.18
CA HIS B 39 4.24 -19.64 27.74
C HIS B 39 4.89 -21.02 27.56
N LYS B 40 4.26 -21.97 26.88
CA LYS B 40 4.85 -23.31 26.72
C LYS B 40 4.68 -23.81 25.28
N LEU B 41 3.98 -23.11 24.41
CA LEU B 41 3.97 -23.51 22.98
C LEU B 41 5.30 -23.06 22.37
N VAL B 42 6.03 -23.96 21.71
CA VAL B 42 7.31 -23.62 21.05
C VAL B 42 7.19 -24.07 19.60
N LEU B 43 7.57 -23.19 18.67
CA LEU B 43 7.45 -23.39 17.20
C LEU B 43 8.85 -23.49 16.62
N SER B 44 9.04 -24.28 15.57
CA SER B 44 10.36 -24.45 14.90
C SER B 44 10.17 -24.36 13.39
N VAL B 45 10.22 -25.50 12.68
CA VAL B 45 9.62 -25.69 11.33
C VAL B 45 8.14 -25.94 11.59
N ASN B 46 7.84 -27.00 12.35
CA ASN B 46 6.48 -27.35 12.83
C ASN B 46 6.31 -26.77 14.23
N PRO B 47 5.07 -26.78 14.80
CA PRO B 47 4.87 -26.48 16.22
C PRO B 47 5.06 -27.71 17.12
N TYR B 48 5.91 -27.59 18.15
CA TYR B 48 6.07 -28.60 19.24
C TYR B 48 4.70 -28.85 19.89
N VAL B 49 3.93 -29.75 19.28
CA VAL B 49 2.59 -30.22 19.73
C VAL B 49 2.59 -31.74 19.57
N CYS B 50 1.85 -32.50 20.39
CA CYS B 50 1.69 -33.96 20.17
C CYS B 50 1.04 -34.14 18.79
N ASN B 51 1.58 -35.02 17.95
CA ASN B 51 1.07 -35.33 16.59
C ASN B 51 0.17 -36.56 16.63
N ALA B 52 -0.23 -37.03 17.83
CA ALA B 52 -1.15 -38.18 18.03
C ALA B 52 -2.59 -37.71 17.88
N PRO B 53 -3.41 -38.34 17.00
CA PRO B 53 -4.76 -37.86 16.70
C PRO B 53 -5.70 -37.66 17.91
N GLY B 54 -6.19 -36.43 18.10
CA GLY B 54 -7.15 -36.05 19.16
C GLY B 54 -6.48 -35.82 20.52
N CYS B 55 -5.15 -35.68 20.55
CA CYS B 55 -4.35 -35.31 21.76
C CYS B 55 -4.13 -33.79 21.77
N ASP B 56 -4.22 -33.17 22.94
CA ASP B 56 -4.28 -31.70 23.11
C ASP B 56 -3.03 -31.20 23.85
N VAL B 57 -1.91 -31.90 23.75
CA VAL B 57 -0.68 -31.52 24.49
C VAL B 57 0.17 -30.62 23.57
N THR B 58 0.40 -29.39 24.04
CA THR B 58 1.15 -28.29 23.37
C THR B 58 2.34 -27.85 24.25
N ASP B 59 2.31 -28.14 25.55
CA ASP B 59 3.37 -27.78 26.53
C ASP B 59 4.68 -28.51 26.19
N VAL B 60 5.74 -27.75 25.87
CA VAL B 60 7.07 -28.27 25.41
C VAL B 60 7.72 -29.11 26.53
N THR B 61 7.44 -28.81 27.82
CA THR B 61 8.01 -29.55 28.98
C THR B 61 7.41 -30.97 29.06
N GLN B 62 6.21 -31.19 28.51
CA GLN B 62 5.50 -32.49 28.51
C GLN B 62 5.58 -33.15 27.13
N LEU B 63 6.63 -32.92 26.33
CA LEU B 63 6.69 -33.42 24.93
C LEU B 63 8.10 -33.93 24.62
N TYR B 64 8.16 -34.81 23.62
CA TYR B 64 9.30 -35.70 23.25
C TYR B 64 9.34 -35.81 21.72
N LEU B 65 10.53 -35.74 21.11
CA LEU B 65 10.76 -36.17 19.70
C LEU B 65 10.72 -37.70 19.63
N GLY B 66 9.74 -38.25 18.91
CA GLY B 66 9.51 -39.69 18.67
C GLY B 66 9.60 -40.04 17.19
N GLY B 67 10.80 -40.43 16.74
CA GLY B 67 11.15 -40.53 15.31
C GLY B 67 11.41 -39.15 14.76
N MET B 68 10.48 -38.64 13.94
CA MET B 68 10.56 -37.30 13.29
C MET B 68 9.43 -36.40 13.80
N SER B 69 8.41 -37.00 14.43
CA SER B 69 7.21 -36.32 15.00
C SER B 69 7.45 -35.96 16.47
N TYR B 70 6.47 -35.29 17.10
CA TYR B 70 6.49 -34.85 18.52
C TYR B 70 5.32 -35.52 19.24
N TYR B 71 5.58 -36.09 20.43
CA TYR B 71 4.53 -36.78 21.22
C TYR B 71 4.67 -36.41 22.70
N CYS B 72 3.56 -36.50 23.44
CA CYS B 72 3.49 -36.33 24.91
C CYS B 72 3.95 -37.64 25.59
N LYS B 73 3.85 -37.69 26.92
CA LYS B 73 4.20 -38.87 27.76
C LYS B 73 3.38 -40.06 27.26
N SER B 74 2.08 -39.85 27.04
CA SER B 74 1.06 -40.89 26.75
C SER B 74 1.21 -41.47 25.34
N HIS B 75 1.66 -40.71 24.36
CA HIS B 75 1.62 -41.14 22.92
C HIS B 75 3.03 -41.32 22.37
N LYS B 76 4.06 -41.19 23.20
CA LYS B 76 5.44 -41.32 22.69
C LYS B 76 5.64 -42.78 22.28
N PRO B 77 6.54 -43.05 21.31
CA PRO B 77 7.07 -44.40 21.10
C PRO B 77 8.11 -44.75 22.16
N PRO B 78 8.58 -46.03 22.24
CA PRO B 78 9.62 -46.41 23.20
C PRO B 78 10.94 -45.63 23.09
N ILE B 79 11.43 -45.46 21.85
CA ILE B 79 12.62 -44.62 21.52
C ILE B 79 12.11 -43.19 21.33
N SER B 80 12.54 -42.27 22.21
CA SER B 80 12.27 -40.81 22.17
C SER B 80 13.18 -40.09 23.17
N PHE B 81 13.57 -38.85 22.90
CA PHE B 81 14.17 -37.94 23.91
C PHE B 81 13.25 -36.74 24.14
N PRO B 82 13.33 -36.07 25.31
CA PRO B 82 12.45 -34.95 25.62
C PRO B 82 12.92 -33.71 24.85
N LEU B 83 12.04 -32.73 24.67
CA LEU B 83 12.39 -31.38 24.13
C LEU B 83 13.14 -30.52 25.16
N CYS B 84 12.79 -30.57 26.46
CA CYS B 84 13.48 -29.83 27.57
C CYS B 84 14.45 -30.73 28.32
N ALA B 85 15.73 -30.33 28.35
CA ALA B 85 16.82 -31.02 29.03
C ALA B 85 18.01 -30.09 29.20
N ASN B 86 18.71 -30.15 30.33
CA ASN B 86 20.02 -29.47 30.48
C ASN B 86 19.80 -27.96 30.29
N GLY B 87 18.68 -27.42 30.84
CA GLY B 87 18.33 -25.99 30.80
C GLY B 87 18.20 -25.46 29.38
N GLN B 88 17.84 -26.32 28.43
CA GLN B 88 17.78 -26.05 26.97
C GLN B 88 16.54 -26.69 26.37
N VAL B 89 15.96 -26.07 25.32
CA VAL B 89 14.84 -26.64 24.51
C VAL B 89 15.44 -27.17 23.20
N PHE B 90 14.89 -28.24 22.63
CA PHE B 90 15.49 -28.91 21.45
C PHE B 90 15.16 -28.09 20.20
N GLY B 91 16.18 -27.42 19.64
CA GLY B 91 16.13 -26.86 18.27
C GLY B 91 17.50 -26.85 17.60
N LEU B 92 17.51 -26.86 16.25
CA LEU B 92 18.73 -26.67 15.41
C LEU B 92 19.63 -25.64 16.06
N TYR B 93 20.95 -25.74 15.84
CA TYR B 93 21.97 -24.76 16.30
C TYR B 93 22.07 -24.79 17.84
N LYS B 94 22.01 -25.99 18.43
CA LYS B 94 22.04 -26.25 19.91
C LYS B 94 23.44 -26.00 20.47
N ASN B 95 24.45 -26.19 19.61
CA ASN B 95 25.91 -26.02 19.90
C ASN B 95 26.25 -24.52 19.93
N THR B 96 25.69 -23.73 18.99
CA THR B 96 25.79 -22.25 18.88
C THR B 96 24.67 -21.59 19.72
N CYS B 97 24.95 -21.27 20.99
CA CYS B 97 23.97 -20.87 22.03
C CYS B 97 24.69 -20.32 23.27
N VAL B 98 24.24 -19.16 23.80
CA VAL B 98 25.00 -18.34 24.80
C VAL B 98 24.15 -18.06 26.05
N GLY B 99 22.86 -17.77 25.87
CA GLY B 99 21.88 -17.54 26.95
C GLY B 99 21.95 -16.12 27.49
N SER B 100 21.37 -15.86 28.67
CA SER B 100 21.37 -14.56 29.39
C SER B 100 21.39 -14.80 30.90
N ASP B 101 22.00 -13.89 31.68
CA ASP B 101 22.07 -13.99 33.16
C ASP B 101 20.68 -13.74 33.77
N ASN B 102 19.90 -12.82 33.18
CA ASN B 102 18.48 -12.53 33.51
C ASN B 102 17.68 -12.43 32.19
N VAL B 103 16.64 -13.27 32.05
CA VAL B 103 15.62 -13.28 30.96
C VAL B 103 14.36 -12.58 31.52
N THR B 104 14.48 -11.95 32.69
CA THR B 104 13.38 -11.36 33.48
C THR B 104 12.69 -10.18 32.74
N ASP B 105 13.47 -9.28 32.12
CA ASP B 105 12.95 -8.08 31.38
C ASP B 105 12.12 -8.56 30.18
N PHE B 106 12.59 -9.55 29.42
CA PHE B 106 11.90 -10.13 28.24
C PHE B 106 10.59 -10.82 28.62
N ASN B 107 10.56 -11.47 29.77
CA ASN B 107 9.39 -12.23 30.29
C ASN B 107 8.28 -11.23 30.61
N ALA B 108 8.63 -10.14 31.29
CA ALA B 108 7.73 -9.04 31.69
C ALA B 108 7.14 -8.37 30.45
N ILE B 109 7.94 -8.20 29.38
CA ILE B 109 7.50 -7.59 28.09
C ILE B 109 6.60 -8.58 27.39
N ALA B 110 6.94 -9.86 27.42
CA ALA B 110 6.23 -10.91 26.65
C ALA B 110 4.87 -11.17 27.30
N THR B 111 4.70 -10.87 28.59
CA THR B 111 3.51 -11.28 29.38
C THR B 111 2.69 -10.09 29.90
N CYS B 112 3.14 -8.83 29.80
CA CYS B 112 2.40 -7.70 30.41
C CYS B 112 1.20 -7.38 29.52
N ASP B 113 0.16 -6.75 30.07
CA ASP B 113 -1.05 -6.37 29.31
C ASP B 113 -0.97 -4.89 28.87
N TRP B 114 0.14 -4.18 29.13
CA TRP B 114 0.38 -2.79 28.64
C TRP B 114 -0.66 -1.81 29.20
N THR B 115 -1.28 -2.10 30.35
CA THR B 115 -2.27 -1.19 30.98
C THR B 115 -1.61 -0.38 32.08
N ASN B 116 -0.37 -0.73 32.48
CA ASN B 116 0.39 0.02 33.51
C ASN B 116 1.55 0.78 32.87
N ALA B 117 1.75 2.02 33.31
CA ALA B 117 2.89 2.91 32.97
C ALA B 117 4.20 2.12 33.07
N GLY B 118 4.35 1.25 34.08
CA GLY B 118 5.58 0.49 34.34
C GLY B 118 5.99 -0.38 33.15
N ASP B 119 5.04 -0.76 32.31
CA ASP B 119 5.31 -1.63 31.14
C ASP B 119 6.10 -0.82 30.10
N TYR B 120 5.74 0.46 29.97
CA TYR B 120 6.24 1.42 28.94
C TYR B 120 7.63 1.88 29.33
N ILE B 121 7.82 2.05 30.64
CA ILE B 121 9.10 2.40 31.28
C ILE B 121 10.10 1.30 30.93
N LEU B 122 9.71 0.06 31.16
CA LEU B 122 10.59 -1.11 30.90
C LEU B 122 10.86 -1.12 29.39
N ALA B 123 9.85 -0.81 28.58
CA ALA B 123 9.94 -0.93 27.11
C ALA B 123 10.96 0.10 26.64
N ASN B 124 11.31 1.03 27.53
CA ASN B 124 12.21 2.16 27.19
C ASN B 124 13.57 2.09 27.91
N THR B 125 13.73 1.31 28.99
CA THR B 125 15.02 1.22 29.73
C THR B 125 15.73 -0.12 29.41
N CYS B 126 15.03 -1.07 28.82
CA CYS B 126 15.60 -2.41 28.49
C CYS B 126 16.60 -2.27 27.36
N THR B 127 17.13 -3.37 26.85
CA THR B 127 18.18 -3.37 25.82
C THR B 127 17.52 -3.03 24.50
N GLU B 128 18.32 -2.63 23.50
CA GLU B 128 17.78 -2.09 22.23
C GLU B 128 16.92 -3.17 21.60
N ARG B 129 17.38 -4.42 21.65
CA ARG B 129 16.67 -5.52 20.94
C ARG B 129 15.31 -5.76 21.63
N LEU B 130 15.22 -5.57 22.94
CA LEU B 130 13.94 -5.72 23.65
C LEU B 130 13.04 -4.49 23.40
N LYS B 131 13.63 -3.32 23.12
CA LYS B 131 12.89 -2.10 22.74
C LYS B 131 12.08 -2.41 21.47
N LEU B 132 12.66 -3.14 20.54
CA LEU B 132 11.97 -3.48 19.26
C LEU B 132 10.91 -4.55 19.56
N PHE B 133 11.26 -5.51 20.41
CA PHE B 133 10.36 -6.62 20.80
C PHE B 133 9.17 -6.00 21.54
N ALA B 134 9.43 -5.10 22.50
CA ALA B 134 8.36 -4.39 23.26
C ALA B 134 7.46 -3.59 22.29
N ALA B 135 8.08 -2.80 21.41
CA ALA B 135 7.38 -1.87 20.47
C ALA B 135 6.46 -2.72 19.60
N GLU B 136 6.99 -3.81 19.07
CA GLU B 136 6.18 -4.78 18.26
C GLU B 136 5.04 -5.39 19.10
N THR B 137 5.34 -5.83 20.31
CA THR B 137 4.42 -6.62 21.15
C THR B 137 3.23 -5.72 21.53
N LEU B 138 3.54 -4.49 21.93
CA LEU B 138 2.58 -3.43 22.32
C LEU B 138 1.69 -3.05 21.13
N LYS B 139 2.29 -2.79 19.98
CA LYS B 139 1.51 -2.35 18.81
C LYS B 139 0.57 -3.48 18.40
N ALA B 140 1.06 -4.72 18.39
CA ALA B 140 0.23 -5.91 18.11
C ALA B 140 -0.92 -5.99 19.12
N THR B 141 -0.64 -5.73 20.42
CA THR B 141 -1.63 -5.83 21.53
C THR B 141 -2.67 -4.72 21.35
N GLU B 142 -2.22 -3.51 20.98
CA GLU B 142 -3.07 -2.34 20.65
C GLU B 142 -4.01 -2.72 19.51
N GLU B 143 -3.51 -3.26 18.38
CA GLU B 143 -4.36 -3.59 17.19
C GLU B 143 -5.35 -4.70 17.56
N THR B 144 -4.91 -5.72 18.28
CA THR B 144 -5.75 -6.88 18.71
C THR B 144 -6.90 -6.35 19.58
N PHE B 145 -6.58 -5.48 20.52
CA PHE B 145 -7.53 -4.94 21.53
C PHE B 145 -8.63 -4.11 20.86
N LYS B 146 -8.41 -3.59 19.66
CA LYS B 146 -9.48 -2.91 18.88
C LYS B 146 -10.58 -3.91 18.44
N LEU B 147 -10.23 -5.16 18.11
CA LEU B 147 -11.17 -6.27 17.73
C LEU B 147 -12.05 -6.63 18.93
N SER B 148 -11.64 -6.29 20.14
CA SER B 148 -12.41 -6.63 21.36
C SER B 148 -13.70 -5.80 21.33
N TYR B 149 -13.74 -4.70 20.58
CA TYR B 149 -14.87 -3.72 20.57
C TYR B 149 -16.01 -4.20 19.67
N GLY B 150 -17.23 -3.85 20.07
CA GLY B 150 -18.45 -4.23 19.35
C GLY B 150 -18.61 -3.44 18.07
N ILE B 151 -19.18 -4.05 17.03
CA ILE B 151 -19.60 -3.38 15.78
C ILE B 151 -20.65 -2.36 16.15
N ALA B 152 -20.55 -1.12 15.68
CA ALA B 152 -21.65 -0.12 15.74
C ALA B 152 -22.39 -0.11 14.41
N THR B 153 -23.72 -0.11 14.44
CA THR B 153 -24.57 -0.22 13.24
C THR B 153 -25.56 0.95 13.27
N VAL B 154 -25.75 1.58 12.09
CA VAL B 154 -26.76 2.66 11.88
C VAL B 154 -28.15 2.04 12.02
N ARG B 155 -28.83 2.36 13.13
CA ARG B 155 -30.25 1.99 13.34
C ARG B 155 -31.12 2.95 12.52
N GLU B 156 -30.86 4.26 12.64
CA GLU B 156 -31.70 5.33 12.06
C GLU B 156 -30.81 6.54 11.79
N VAL B 157 -30.94 7.17 10.62
CA VAL B 157 -30.12 8.36 10.22
C VAL B 157 -30.89 9.62 10.61
N LEU B 158 -30.84 10.01 11.89
CA LEU B 158 -31.62 11.16 12.45
C LEU B 158 -31.64 12.31 11.44
N SER B 159 -30.46 12.71 10.98
CA SER B 159 -30.24 13.79 9.98
C SER B 159 -28.82 13.70 9.44
N ASP B 160 -28.34 14.75 8.78
CA ASP B 160 -26.89 14.95 8.50
C ASP B 160 -26.19 15.11 9.85
N ARG B 161 -24.90 14.79 9.91
CA ARG B 161 -24.02 15.01 11.09
C ARG B 161 -24.45 14.18 12.32
N GLU B 162 -25.62 13.52 12.35
CA GLU B 162 -26.16 12.86 13.56
C GLU B 162 -26.83 11.50 13.24
N LEU B 163 -26.55 10.47 14.05
CA LEU B 163 -26.99 9.05 13.86
C LEU B 163 -27.53 8.45 15.15
N HIS B 164 -28.37 7.42 15.02
CA HIS B 164 -28.76 6.47 16.10
C HIS B 164 -27.94 5.18 15.90
N LEU B 165 -27.16 4.77 16.90
CA LEU B 165 -26.33 3.55 16.75
C LEU B 165 -26.95 2.39 17.54
N SER B 166 -26.84 1.20 16.97
CA SER B 166 -27.07 -0.11 17.61
C SER B 166 -25.72 -0.83 17.76
N TRP B 167 -25.44 -1.34 18.95
CA TRP B 167 -24.10 -1.88 19.34
C TRP B 167 -24.18 -3.40 19.47
N GLU B 168 -23.11 -4.08 19.12
CA GLU B 168 -22.99 -5.55 19.21
C GLU B 168 -23.13 -5.94 20.68
N VAL B 169 -23.98 -6.91 21.00
CA VAL B 169 -24.15 -7.41 22.41
C VAL B 169 -22.97 -8.33 22.69
N GLY B 170 -22.48 -8.34 23.93
CA GLY B 170 -21.47 -9.29 24.40
C GLY B 170 -20.07 -8.75 24.22
N LYS B 171 -19.96 -7.51 23.73
CA LYS B 171 -18.67 -6.86 23.42
C LYS B 171 -18.76 -5.41 23.87
N PRO B 172 -17.72 -4.85 24.53
CA PRO B 172 -17.74 -3.47 24.97
C PRO B 172 -17.71 -2.47 23.80
N ARG B 173 -18.16 -1.24 24.06
CA ARG B 173 -18.18 -0.10 23.09
C ARG B 173 -16.89 0.69 23.28
N PRO B 174 -16.22 1.09 22.18
CA PRO B 174 -15.04 1.95 22.29
C PRO B 174 -15.52 3.29 22.85
N PRO B 175 -14.64 4.04 23.54
CA PRO B 175 -14.87 5.46 23.81
C PRO B 175 -15.23 6.22 22.53
N LEU B 176 -16.16 7.18 22.62
CA LEU B 176 -16.54 8.01 21.46
C LEU B 176 -15.83 9.37 21.57
N ASN B 177 -14.50 9.38 21.37
CA ASN B 177 -13.62 10.58 21.31
C ASN B 177 -12.75 10.46 20.04
N ARG B 178 -11.88 11.44 19.80
CA ARG B 178 -11.20 11.65 18.48
C ARG B 178 -10.04 10.65 18.33
N ASN B 179 -9.58 10.03 19.42
CA ASN B 179 -8.54 8.96 19.39
C ASN B 179 -9.11 7.65 18.83
N TYR B 180 -10.43 7.53 18.69
CA TYR B 180 -11.07 6.28 18.18
C TYR B 180 -11.63 6.58 16.79
N VAL B 181 -10.87 6.19 15.76
CA VAL B 181 -11.28 6.29 14.32
C VAL B 181 -11.91 4.96 13.91
N PHE B 182 -13.10 5.05 13.35
CA PHE B 182 -13.91 3.92 12.82
C PHE B 182 -13.76 3.89 11.31
N THR B 183 -13.84 2.72 10.72
CA THR B 183 -14.09 2.51 9.29
C THR B 183 -15.56 2.09 9.16
N GLY B 184 -16.28 2.70 8.24
CA GLY B 184 -17.68 2.37 7.93
C GLY B 184 -17.68 1.44 6.72
N TYR B 185 -18.79 0.73 6.52
CA TYR B 185 -19.01 -0.23 5.42
C TYR B 185 -20.50 -0.34 5.08
N ARG B 186 -20.83 -0.59 3.80
CA ARG B 186 -22.20 -0.87 3.29
C ARG B 186 -22.33 -2.37 2.99
N VAL B 187 -23.42 -3.00 3.43
CA VAL B 187 -23.68 -4.46 3.30
C VAL B 187 -24.02 -4.73 1.83
N THR B 188 -23.06 -5.24 1.04
CA THR B 188 -23.24 -5.53 -0.42
C THR B 188 -23.72 -6.98 -0.60
N LYS B 189 -24.08 -7.31 -1.84
CA LYS B 189 -24.63 -8.62 -2.28
C LYS B 189 -24.11 -9.72 -1.33
N ASN B 190 -22.82 -10.06 -1.42
CA ASN B 190 -22.20 -11.25 -0.77
C ASN B 190 -21.03 -10.84 0.11
N SER B 191 -20.79 -9.54 0.31
CA SER B 191 -19.64 -8.98 1.08
C SER B 191 -19.94 -7.53 1.52
N LYS B 192 -18.90 -6.74 1.76
CA LYS B 192 -18.98 -5.36 2.31
C LYS B 192 -17.98 -4.48 1.55
N VAL B 193 -18.29 -3.18 1.41
CA VAL B 193 -17.40 -2.18 0.74
C VAL B 193 -17.13 -1.01 1.70
N GLN B 194 -15.84 -0.61 1.83
CA GLN B 194 -15.39 0.55 2.64
C GLN B 194 -16.15 1.80 2.17
N ILE B 195 -16.54 2.64 3.12
CA ILE B 195 -17.35 3.87 2.84
C ILE B 195 -16.72 5.05 3.62
N GLY B 196 -15.40 4.98 3.82
CA GLY B 196 -14.59 6.02 4.48
C GLY B 196 -14.24 5.69 5.92
N GLU B 197 -13.57 6.63 6.60
CA GLU B 197 -13.22 6.60 8.05
C GLU B 197 -14.04 7.67 8.76
N TYR B 198 -14.33 7.48 10.06
CA TYR B 198 -15.31 8.28 10.85
C TYR B 198 -14.80 8.43 12.28
N THR B 199 -15.24 9.48 12.97
CA THR B 199 -15.17 9.59 14.45
C THR B 199 -16.59 9.91 14.95
N PHE B 200 -16.81 9.74 16.26
CA PHE B 200 -18.13 9.91 16.92
C PHE B 200 -17.93 10.65 18.26
N GLU B 201 -18.93 11.47 18.59
CA GLU B 201 -19.11 12.22 19.84
C GLU B 201 -20.58 12.03 20.26
N LYS B 202 -20.89 11.97 21.56
CA LYS B 202 -22.28 11.89 22.11
C LYS B 202 -23.10 13.07 21.55
N GLY B 203 -24.44 12.96 21.56
CA GLY B 203 -25.37 13.97 21.03
C GLY B 203 -26.25 14.60 22.10
N ALA B 208 -27.92 8.32 20.41
CA ALA B 208 -27.87 9.49 19.48
C ALA B 208 -26.46 10.07 19.43
N VAL B 209 -25.74 9.86 18.32
CA VAL B 209 -24.30 10.23 18.16
C VAL B 209 -24.13 11.25 17.02
N VAL B 210 -23.08 12.07 17.12
CA VAL B 210 -22.63 13.05 16.09
C VAL B 210 -21.37 12.46 15.42
N TYR B 211 -21.32 12.42 14.09
CA TYR B 211 -20.17 11.85 13.32
C TYR B 211 -19.46 12.95 12.55
N ARG B 212 -18.12 12.90 12.54
CA ARG B 212 -17.24 13.61 11.56
C ARG B 212 -16.57 12.55 10.67
N GLY B 213 -16.88 12.54 9.38
CA GLY B 213 -16.47 11.47 8.44
C GLY B 213 -15.47 11.94 7.38
N THR B 214 -14.40 11.15 7.17
CA THR B 214 -13.26 11.36 6.22
C THR B 214 -13.75 11.43 4.77
N THR B 215 -15.03 11.73 4.55
CA THR B 215 -15.71 11.67 3.24
C THR B 215 -17.19 11.98 3.46
N THR B 216 -17.84 12.57 2.47
CA THR B 216 -19.29 12.92 2.51
C THR B 216 -20.05 11.80 1.79
N TYR B 217 -21.15 11.34 2.40
CA TYR B 217 -21.97 10.17 1.96
C TYR B 217 -23.31 10.20 2.66
N LYS B 218 -24.41 10.12 1.91
CA LYS B 218 -25.79 10.02 2.46
C LYS B 218 -25.92 8.63 3.10
N LEU B 219 -25.05 8.31 4.07
CA LEU B 219 -24.94 6.94 4.63
C LEU B 219 -26.32 6.51 5.13
N ASN B 220 -26.70 5.27 4.78
CA ASN B 220 -28.05 4.69 4.96
C ASN B 220 -27.99 3.67 6.11
N VAL B 221 -29.16 3.40 6.70
CA VAL B 221 -29.39 2.42 7.81
C VAL B 221 -28.67 1.10 7.50
N GLY B 222 -28.18 0.42 8.54
CA GLY B 222 -27.55 -0.91 8.41
C GLY B 222 -26.08 -0.81 8.10
N ASP B 223 -25.58 0.38 7.74
CA ASP B 223 -24.13 0.66 7.60
C ASP B 223 -23.51 0.46 8.98
N TYR B 224 -22.26 0.01 9.02
CA TYR B 224 -21.63 -0.46 10.27
C TYR B 224 -20.19 0.05 10.33
N PHE B 225 -19.69 0.18 11.56
CA PHE B 225 -18.45 0.91 11.88
C PHE B 225 -17.60 0.04 12.78
N VAL B 226 -16.33 -0.04 12.46
CA VAL B 226 -15.34 -0.91 13.15
C VAL B 226 -14.02 -0.13 13.16
N LEU B 227 -13.40 -0.02 14.33
CA LEU B 227 -12.04 0.54 14.45
C LEU B 227 -11.17 -0.28 13.49
N THR B 228 -10.60 0.31 12.44
CA THR B 228 -9.74 -0.48 11.52
C THR B 228 -8.42 -0.69 12.26
N SER B 229 -7.99 -1.96 12.31
CA SER B 229 -6.75 -2.43 12.96
C SER B 229 -5.89 -3.12 11.88
N HIS B 230 -4.69 -2.61 11.62
CA HIS B 230 -3.81 -3.09 10.53
C HIS B 230 -2.75 -4.09 11.07
N THR B 231 -2.22 -4.93 10.16
CA THR B 231 -1.05 -5.83 10.37
C THR B 231 0.14 -5.02 10.89
N VAL B 232 0.76 -5.49 11.98
CA VAL B 232 2.00 -4.91 12.56
C VAL B 232 3.19 -5.71 12.02
N MET B 233 4.13 -5.06 11.32
CA MET B 233 5.32 -5.75 10.77
C MET B 233 6.38 -5.89 11.86
N PRO B 234 7.30 -6.86 11.77
CA PRO B 234 8.40 -6.98 12.72
C PRO B 234 9.45 -5.90 12.47
N LEU B 235 10.16 -5.53 13.52
CA LEU B 235 11.13 -4.42 13.49
C LEU B 235 12.51 -5.06 13.34
N SER B 236 13.41 -4.42 12.60
CA SER B 236 14.79 -4.89 12.34
C SER B 236 15.73 -3.80 12.82
N ALA B 237 15.55 -2.58 12.32
CA ALA B 237 16.46 -1.46 12.62
C ALA B 237 16.24 -1.00 14.07
N PRO B 238 17.28 -0.45 14.75
CA PRO B 238 17.12 0.10 16.09
C PRO B 238 16.33 1.42 16.18
N THR B 239 16.02 1.88 17.39
CA THR B 239 15.25 3.13 17.60
C THR B 239 16.15 4.36 17.33
N LEU B 240 17.46 4.24 17.58
CA LEU B 240 18.52 5.24 17.29
C LEU B 240 19.72 4.48 16.76
N VAL B 241 20.29 4.95 15.65
CA VAL B 241 21.56 4.42 15.10
C VAL B 241 22.60 4.74 16.15
N PRO B 242 23.79 4.10 16.09
CA PRO B 242 24.83 4.42 17.06
C PRO B 242 25.28 5.86 16.79
N GLN B 243 25.39 6.69 17.85
CA GLN B 243 25.83 8.10 17.76
C GLN B 243 27.27 8.17 17.22
N GLU B 244 27.55 9.11 16.32
CA GLU B 244 28.93 9.50 15.89
C GLU B 244 29.09 11.02 15.96
N HIS B 245 30.13 11.51 16.64
CA HIS B 245 30.55 12.94 16.65
C HIS B 245 31.74 13.13 15.69
N TYR B 246 31.80 14.30 15.08
CA TYR B 246 32.76 14.62 13.99
C TYR B 246 33.47 15.89 14.42
N VAL B 247 34.66 16.06 13.89
CA VAL B 247 35.56 17.23 14.12
C VAL B 247 35.17 18.30 13.08
N ARG B 248 34.67 17.87 11.91
CA ARG B 248 34.23 18.71 10.77
C ARG B 248 32.77 18.42 10.43
N ILE B 249 32.08 19.36 9.77
CA ILE B 249 30.77 19.12 9.10
C ILE B 249 31.03 18.07 8.04
N THR B 250 30.24 17.00 8.05
CA THR B 250 30.45 15.76 7.28
C THR B 250 29.34 15.58 6.23
N GLY B 251 29.73 15.52 4.97
CA GLY B 251 28.82 15.11 3.87
C GLY B 251 27.80 16.16 3.51
N LEU B 252 27.99 17.39 3.99
CA LEU B 252 27.09 18.53 3.75
C LEU B 252 27.96 19.74 3.38
N TYR B 253 27.45 20.62 2.50
CA TYR B 253 28.16 21.84 2.02
C TYR B 253 27.34 23.07 2.43
N PRO B 254 27.79 23.80 3.49
CA PRO B 254 27.10 24.99 3.96
C PRO B 254 27.07 26.07 2.88
N THR B 255 26.00 26.87 2.88
CA THR B 255 25.83 27.97 1.90
C THR B 255 26.78 29.10 2.28
N LEU B 256 27.13 29.91 1.28
CA LEU B 256 27.97 31.12 1.49
C LEU B 256 27.08 32.29 1.95
N ASN B 257 25.91 32.42 1.31
CA ASN B 257 24.92 33.49 1.60
C ASN B 257 23.66 32.84 2.17
N ILE B 258 23.23 33.26 3.36
CA ILE B 258 21.95 32.84 4.03
C ILE B 258 21.12 34.08 4.38
N SER B 259 19.81 33.98 4.33
CA SER B 259 18.83 35.01 4.75
C SER B 259 18.93 35.24 6.28
N ASP B 260 18.79 36.47 6.76
CA ASP B 260 18.79 36.77 8.22
C ASP B 260 17.52 36.20 8.88
N GLU B 261 16.62 35.62 8.09
CA GLU B 261 15.47 34.86 8.61
C GLU B 261 15.92 33.54 9.27
N PHE B 262 17.14 33.06 9.00
CA PHE B 262 17.63 31.72 9.41
C PHE B 262 18.96 31.80 10.18
N SER B 263 19.50 33.00 10.32
CA SER B 263 20.83 33.27 10.91
C SER B 263 20.83 32.83 12.39
N SER B 264 19.71 32.90 13.09
CA SER B 264 19.63 32.44 14.49
C SER B 264 19.99 30.94 14.56
N ASN B 265 19.85 30.19 13.47
CA ASN B 265 20.02 28.71 13.52
C ASN B 265 21.30 28.22 12.83
N VAL B 266 22.24 29.11 12.51
CA VAL B 266 23.46 28.73 11.74
C VAL B 266 24.35 27.86 12.63
N ALA B 267 24.62 28.25 13.89
CA ALA B 267 25.32 27.41 14.87
C ALA B 267 24.62 26.04 14.95
N ASN B 268 23.30 26.02 15.16
CA ASN B 268 22.53 24.74 15.28
C ASN B 268 22.70 23.91 13.99
N TYR B 269 22.65 24.51 12.81
CA TYR B 269 22.72 23.79 11.51
C TYR B 269 24.11 23.16 11.35
N GLN B 270 25.11 23.79 11.97
CA GLN B 270 26.51 23.30 11.95
C GLN B 270 26.59 22.10 12.90
N LYS B 271 26.05 22.19 14.11
CA LYS B 271 25.97 21.05 15.06
C LYS B 271 25.30 19.86 14.32
N VAL B 272 24.29 20.11 13.49
CA VAL B 272 23.56 19.01 12.77
C VAL B 272 24.57 18.26 11.91
N GLY B 273 25.51 18.96 11.28
CA GLY B 273 26.46 18.35 10.35
C GLY B 273 27.64 17.72 11.06
N MET B 274 27.79 17.97 12.37
CA MET B 274 28.93 17.44 13.16
C MET B 274 28.50 16.29 14.11
N GLN B 275 27.33 15.69 13.94
CA GLN B 275 26.90 14.46 14.67
C GLN B 275 26.09 13.59 13.71
N LYS B 276 25.93 12.32 14.05
CA LYS B 276 25.15 11.42 13.17
C LYS B 276 23.67 11.78 13.33
N TYR B 277 23.26 12.07 14.56
CA TYR B 277 21.86 12.40 14.90
C TYR B 277 21.93 13.46 15.98
N SER B 278 20.97 14.36 15.95
CA SER B 278 20.89 15.54 16.83
C SER B 278 19.43 15.76 17.18
N THR B 279 19.19 16.21 18.39
CA THR B 279 17.86 16.40 18.98
C THR B 279 17.65 17.92 19.10
N LEU B 280 16.51 18.42 18.61
CA LEU B 280 16.13 19.85 18.78
C LEU B 280 14.85 19.90 19.61
N GLN B 281 14.93 20.44 20.81
CA GLN B 281 13.71 20.74 21.58
C GLN B 281 13.23 22.10 21.12
N GLY B 282 12.02 22.16 20.59
CA GLY B 282 11.38 23.43 20.21
C GLY B 282 10.09 23.63 20.98
N PRO B 283 10.13 24.37 22.10
CA PRO B 283 8.92 24.79 22.80
C PRO B 283 7.89 25.39 21.84
N PRO B 284 6.67 25.64 22.33
CA PRO B 284 5.63 26.22 21.49
C PRO B 284 6.09 27.57 20.94
N GLY B 285 5.96 27.75 19.62
CA GLY B 285 6.07 29.07 18.96
C GLY B 285 7.51 29.54 18.88
N THR B 286 8.47 28.62 18.96
CA THR B 286 9.92 28.93 18.99
C THR B 286 10.51 28.70 17.60
N GLY B 287 9.80 28.07 16.67
CA GLY B 287 10.23 28.03 15.25
C GLY B 287 10.76 26.68 14.75
N LYS B 288 10.10 25.56 15.08
CA LYS B 288 10.55 24.21 14.68
C LYS B 288 10.52 24.01 13.14
N SER B 289 9.41 24.37 12.48
CA SER B 289 9.25 24.13 11.00
C SER B 289 10.18 25.06 10.22
N HIS B 290 10.36 26.29 10.70
CA HIS B 290 11.32 27.28 10.17
C HIS B 290 12.74 26.73 10.26
N PHE B 291 13.15 26.28 11.44
CA PHE B 291 14.41 25.50 11.65
C PHE B 291 14.55 24.41 10.58
N ALA B 292 13.54 23.58 10.44
CA ALA B 292 13.56 22.38 9.60
C ALA B 292 13.75 22.77 8.13
N ILE B 293 12.97 23.72 7.61
CA ILE B 293 13.14 24.21 6.21
C ILE B 293 14.46 24.99 6.09
N GLY B 294 14.82 25.76 7.12
CA GLY B 294 16.05 26.58 7.09
C GLY B 294 17.29 25.72 6.89
N LEU B 295 17.26 24.51 7.42
CA LEU B 295 18.37 23.56 7.26
C LEU B 295 18.57 23.23 5.75
N ALA B 296 17.54 23.27 4.91
CA ALA B 296 17.68 22.97 3.46
C ALA B 296 18.40 24.10 2.73
N LEU B 297 18.07 25.33 3.08
CA LEU B 297 18.71 26.58 2.59
C LEU B 297 20.17 26.62 3.05
N TYR B 298 20.44 26.23 4.30
CA TYR B 298 21.83 26.20 4.83
C TYR B 298 22.65 25.13 4.13
N TYR B 299 22.05 23.98 3.77
CA TYR B 299 22.75 22.89 3.03
C TYR B 299 22.08 22.70 1.68
N PRO B 300 22.22 23.69 0.75
CA PRO B 300 21.39 23.76 -0.46
C PRO B 300 21.45 22.53 -1.35
N SER B 301 22.54 21.74 -1.34
CA SER B 301 22.69 20.59 -2.27
C SER B 301 22.21 19.30 -1.61
N ALA B 302 21.96 19.33 -0.29
CA ALA B 302 21.58 18.16 0.51
C ALA B 302 20.21 17.62 0.05
N ARG B 303 20.10 16.32 -0.14
CA ARG B 303 18.80 15.59 -0.20
C ARG B 303 18.25 15.41 1.22
N ILE B 304 17.06 15.96 1.48
CA ILE B 304 16.44 15.94 2.84
C ILE B 304 15.08 15.28 2.75
N VAL B 305 14.88 14.25 3.58
CA VAL B 305 13.58 13.59 3.78
C VAL B 305 12.98 14.12 5.07
N TYR B 306 11.81 14.75 4.95
CA TYR B 306 11.08 15.35 6.09
C TYR B 306 9.99 14.35 6.46
N THR B 307 10.03 13.84 7.67
CA THR B 307 9.08 12.81 8.13
C THR B 307 8.47 13.29 9.42
N ALA B 308 7.26 12.80 9.66
CA ALA B 308 6.58 12.84 10.97
C ALA B 308 5.55 11.70 10.99
N CYS B 309 4.88 11.50 12.11
CA CYS B 309 3.88 10.40 12.27
C CYS B 309 2.59 10.79 11.54
N SER B 310 2.10 12.01 11.76
CA SER B 310 0.79 12.47 11.22
C SER B 310 0.94 13.13 9.83
N HIS B 311 -0.03 12.92 8.96
CA HIS B 311 -0.19 13.67 7.69
C HIS B 311 -0.18 15.18 7.99
N ALA B 312 -0.71 15.63 9.14
CA ALA B 312 -0.83 17.07 9.47
C ALA B 312 0.59 17.62 9.65
N ALA B 313 1.44 16.91 10.37
CA ALA B 313 2.81 17.37 10.70
C ALA B 313 3.61 17.44 9.40
N VAL B 314 3.46 16.46 8.55
CA VAL B 314 4.13 16.44 7.21
C VAL B 314 3.62 17.63 6.37
N ASP B 315 2.30 17.81 6.33
CA ASP B 315 1.63 18.92 5.61
C ASP B 315 2.16 20.27 6.15
N ALA B 316 2.34 20.44 7.48
CA ALA B 316 2.84 21.72 8.02
C ALA B 316 4.26 21.98 7.47
N LEU B 317 5.12 20.96 7.45
CA LEU B 317 6.47 21.08 6.85
C LEU B 317 6.35 21.41 5.34
N CYS B 318 5.43 20.82 4.59
CA CYS B 318 5.21 21.13 3.15
C CYS B 318 4.75 22.59 3.01
N GLU B 319 3.89 23.09 3.91
CA GLU B 319 3.41 24.49 3.86
C GLU B 319 4.61 25.44 3.97
N LYS B 320 5.48 25.25 4.95
CA LYS B 320 6.71 26.07 5.12
C LYS B 320 7.60 25.83 3.91
N ALA B 321 7.74 24.60 3.47
CA ALA B 321 8.64 24.34 2.33
C ALA B 321 8.15 25.16 1.13
N LEU B 322 6.83 25.26 0.96
CA LEU B 322 6.18 25.90 -0.22
C LEU B 322 6.61 27.38 -0.29
N LYS B 323 6.74 28.02 0.87
CA LYS B 323 7.20 29.41 1.09
C LYS B 323 8.69 29.61 0.75
N TYR B 324 9.59 28.67 1.08
CA TYR B 324 11.05 28.94 1.09
C TYR B 324 11.86 28.08 0.11
N LEU B 325 11.34 26.95 -0.40
CA LEU B 325 12.16 25.99 -1.19
C LEU B 325 11.55 25.88 -2.57
N PRO B 326 12.34 25.56 -3.62
CA PRO B 326 11.80 25.43 -4.98
C PRO B 326 10.76 24.31 -5.11
N ILE B 327 9.54 24.67 -5.48
CA ILE B 327 8.41 23.70 -5.56
C ILE B 327 8.84 22.47 -6.38
N ASP B 328 9.55 22.61 -7.51
CA ASP B 328 9.86 21.46 -8.40
C ASP B 328 10.97 20.60 -7.79
N LYS B 329 11.52 20.94 -6.60
CA LYS B 329 12.55 20.09 -5.91
C LYS B 329 11.90 19.33 -4.75
N CYS B 330 10.59 19.47 -4.60
CA CYS B 330 9.77 18.85 -3.52
C CYS B 330 8.90 17.74 -4.10
N SER B 331 8.71 16.66 -3.33
CA SER B 331 7.70 15.59 -3.57
C SER B 331 7.00 15.26 -2.26
N ARG B 332 5.67 15.20 -2.27
CA ARG B 332 4.86 14.59 -1.20
C ARG B 332 4.62 13.12 -1.53
N ILE B 333 5.09 12.20 -0.66
CA ILE B 333 4.77 10.75 -0.72
C ILE B 333 3.41 10.53 -0.04
N ILE B 334 2.47 9.98 -0.81
CA ILE B 334 1.08 9.63 -0.40
C ILE B 334 0.88 8.18 -0.78
N PRO B 335 0.54 7.30 0.20
CA PRO B 335 0.23 5.89 -0.08
C PRO B 335 -1.14 5.77 -0.76
N ALA B 336 -1.27 4.88 -1.75
CA ALA B 336 -2.54 4.56 -2.45
C ALA B 336 -3.52 3.92 -1.46
N VAL B 340 -7.00 9.50 2.40
CA VAL B 340 -6.97 10.70 3.29
C VAL B 340 -6.47 11.92 2.50
N GLU B 341 -7.04 13.09 2.77
CA GLU B 341 -6.78 14.34 2.01
C GLU B 341 -5.63 15.10 2.67
N CYS B 342 -4.45 15.04 2.05
CA CYS B 342 -3.21 15.72 2.51
C CYS B 342 -2.76 16.73 1.46
N PHE B 343 -1.59 17.31 1.64
CA PHE B 343 -0.95 18.38 0.82
C PHE B 343 -0.87 18.00 -0.67
N ASP B 344 -1.37 18.87 -1.57
CA ASP B 344 -1.49 18.59 -3.03
C ASP B 344 -0.77 19.63 -3.91
N LYS B 345 0.28 20.31 -3.44
CA LYS B 345 0.98 21.35 -4.25
C LYS B 345 2.30 20.82 -4.83
N PHE B 346 2.73 19.60 -4.48
CA PHE B 346 4.04 19.03 -4.90
C PHE B 346 3.78 17.81 -5.78
N LYS B 347 4.70 17.46 -6.69
CA LYS B 347 4.56 16.20 -7.47
C LYS B 347 4.48 15.05 -6.47
N VAL B 348 3.58 14.10 -6.76
CA VAL B 348 3.17 13.00 -5.84
C VAL B 348 4.06 11.80 -6.11
N ASN B 349 4.61 11.22 -5.03
CA ASN B 349 5.33 9.92 -5.00
C ASN B 349 6.49 9.94 -5.98
N SER B 350 7.32 11.00 -5.91
CA SER B 350 8.63 11.10 -6.61
C SER B 350 9.74 10.96 -5.57
N THR B 351 10.14 9.72 -5.33
CA THR B 351 11.09 9.30 -4.26
C THR B 351 12.46 9.97 -4.44
N LEU B 352 12.84 10.35 -5.68
CA LEU B 352 14.22 10.84 -6.01
C LEU B 352 14.29 12.37 -6.05
N GLU B 353 13.20 13.07 -5.76
CA GLU B 353 13.20 14.54 -5.61
C GLU B 353 14.14 14.90 -4.45
N GLN B 354 14.74 16.09 -4.46
CA GLN B 354 15.75 16.52 -3.45
C GLN B 354 15.09 16.62 -2.07
N TYR B 355 13.81 16.97 -2.03
CA TYR B 355 13.04 17.21 -0.80
C TYR B 355 11.83 16.28 -0.82
N VAL B 356 11.76 15.34 0.12
CA VAL B 356 10.68 14.31 0.19
C VAL B 356 9.94 14.47 1.51
N PHE B 357 8.62 14.65 1.46
CA PHE B 357 7.73 14.92 2.62
C PHE B 357 6.76 13.75 2.68
N CYS B 358 6.74 13.04 3.80
CA CYS B 358 6.25 11.65 3.85
C CYS B 358 6.07 11.22 5.30
N THR B 359 4.91 10.68 5.62
CA THR B 359 4.63 10.13 6.96
C THR B 359 5.52 8.91 7.13
N VAL B 360 5.93 8.65 8.36
CA VAL B 360 6.72 7.45 8.75
C VAL B 360 6.21 6.18 8.04
N ASN B 361 4.91 5.87 8.06
CA ASN B 361 4.49 4.52 7.61
C ASN B 361 4.43 4.45 6.09
N ALA B 362 4.57 5.57 5.35
CA ALA B 362 4.56 5.57 3.86
C ALA B 362 5.97 5.66 3.27
N LEU B 363 7.00 5.69 4.11
CA LEU B 363 8.41 5.97 3.70
C LEU B 363 8.84 4.93 2.67
N PRO B 364 9.50 5.34 1.58
CA PRO B 364 10.23 4.39 0.74
C PRO B 364 11.55 3.96 1.40
N GLU B 365 12.16 2.94 0.83
CA GLU B 365 13.55 2.50 1.15
C GLU B 365 14.47 3.41 0.35
N THR B 366 15.21 4.29 1.01
CA THR B 366 15.99 5.32 0.30
C THR B 366 17.10 5.82 1.21
N THR B 367 17.96 6.64 0.64
CA THR B 367 19.08 7.30 1.33
C THR B 367 18.78 8.80 1.37
N ALA B 368 19.38 9.54 2.28
CA ALA B 368 19.25 11.00 2.32
C ALA B 368 20.52 11.56 2.95
N ASP B 369 20.83 12.80 2.61
CA ASP B 369 21.88 13.58 3.29
C ASP B 369 21.35 13.87 4.69
N ILE B 370 20.12 14.35 4.83
CA ILE B 370 19.54 14.63 6.18
C ILE B 370 18.14 14.02 6.25
N VAL B 371 17.79 13.40 7.37
CA VAL B 371 16.38 13.04 7.71
C VAL B 371 15.97 13.94 8.87
N VAL B 372 14.88 14.66 8.66
CA VAL B 372 14.25 15.48 9.71
C VAL B 372 12.99 14.70 10.03
N PHE B 373 12.90 14.24 11.27
CA PHE B 373 11.71 13.60 11.85
C PHE B 373 11.17 14.64 12.81
N ASP B 374 10.02 15.22 12.45
CA ASP B 374 9.34 16.26 13.24
C ASP B 374 8.33 15.62 14.18
N GLU B 375 7.90 16.43 15.15
CA GLU B 375 6.88 16.17 16.19
C GLU B 375 7.28 14.87 16.92
N ILE B 376 8.47 14.86 17.49
CA ILE B 376 9.13 13.62 17.95
C ILE B 376 8.42 13.13 19.21
N SER B 377 7.83 14.00 20.04
CA SER B 377 7.06 13.60 21.26
C SER B 377 5.94 12.59 20.91
N MET B 378 5.42 12.63 19.67
CA MET B 378 4.24 11.84 19.20
C MET B 378 4.69 10.53 18.56
N ALA B 379 5.97 10.31 18.41
CA ALA B 379 6.49 9.06 17.84
C ALA B 379 6.59 8.03 18.96
N THR B 380 6.47 6.78 18.55
CA THR B 380 6.70 5.57 19.38
C THR B 380 8.04 5.00 18.98
N ASN B 381 8.58 4.07 19.76
CA ASN B 381 9.82 3.33 19.40
C ASN B 381 9.53 2.59 18.11
N TYR B 382 8.31 2.17 17.89
CA TYR B 382 7.91 1.49 16.64
C TYR B 382 8.27 2.43 15.48
N ASP B 383 7.78 3.67 15.52
CA ASP B 383 8.06 4.71 14.50
C ASP B 383 9.56 4.97 14.40
N LEU B 384 10.24 5.12 15.54
CA LEU B 384 11.70 5.37 15.57
C LEU B 384 12.38 4.26 14.77
N SER B 385 11.95 3.01 14.93
CA SER B 385 12.67 1.86 14.32
C SER B 385 12.37 1.86 12.81
N VAL B 386 11.12 2.13 12.44
CA VAL B 386 10.71 2.04 11.00
C VAL B 386 11.54 3.04 10.19
N VAL B 387 11.74 4.24 10.73
CA VAL B 387 12.49 5.34 10.04
C VAL B 387 13.90 4.84 9.74
N ASN B 388 14.53 4.26 10.76
CA ASN B 388 15.93 3.73 10.70
C ASN B 388 15.98 2.60 9.66
N ALA B 389 14.89 1.87 9.46
CA ALA B 389 14.88 0.71 8.54
C ALA B 389 14.68 1.17 7.10
N ARG B 390 13.88 2.22 6.87
CA ARG B 390 13.52 2.69 5.51
C ARG B 390 14.58 3.68 4.98
N LEU B 391 15.23 4.50 5.84
CA LEU B 391 16.08 5.66 5.46
C LEU B 391 17.52 5.48 5.97
N ARG B 392 18.46 5.29 5.05
CA ARG B 392 19.90 5.36 5.42
C ARG B 392 20.39 6.78 5.07
N ALA B 393 20.81 7.53 6.08
CA ALA B 393 21.08 8.97 6.03
C ALA B 393 22.42 9.32 6.71
N LYS B 394 23.12 10.32 6.16
CA LYS B 394 24.36 10.82 6.80
C LYS B 394 23.97 11.46 8.12
N HIS B 395 22.78 12.05 8.22
CA HIS B 395 22.41 12.78 9.46
C HIS B 395 20.93 12.65 9.72
N TYR B 396 20.58 12.62 10.98
CA TYR B 396 19.20 12.46 11.43
C TYR B 396 18.97 13.59 12.40
N VAL B 397 17.93 14.39 12.17
CA VAL B 397 17.54 15.45 13.11
C VAL B 397 16.12 15.13 13.57
N TYR B 398 15.96 15.03 14.89
CA TYR B 398 14.72 14.75 15.63
C TYR B 398 14.27 16.05 16.29
N ILE B 399 13.11 16.56 15.86
CA ILE B 399 12.60 17.89 16.31
C ILE B 399 11.31 17.67 17.09
N GLY B 400 11.14 18.33 18.22
CA GLY B 400 9.89 18.18 18.96
C GLY B 400 10.07 18.79 20.33
N ASP B 401 9.30 18.30 21.28
CA ASP B 401 9.32 18.91 22.63
C ASP B 401 8.79 17.83 23.54
N PRO B 402 9.66 17.12 24.32
CA PRO B 402 9.21 16.18 25.34
C PRO B 402 8.29 16.77 26.41
N ALA B 403 8.15 18.09 26.42
CA ALA B 403 7.24 18.90 27.26
C ALA B 403 5.84 18.96 26.66
N GLN B 404 5.69 18.49 25.41
CA GLN B 404 4.35 18.46 24.77
C GLN B 404 3.76 17.03 24.84
N LEU B 405 2.71 16.77 24.05
CA LEU B 405 1.86 15.58 24.19
C LEU B 405 2.48 14.42 23.43
N PRO B 406 2.47 13.22 24.04
CA PRO B 406 2.96 12.01 23.38
C PRO B 406 1.83 11.36 22.60
N ALA B 407 2.14 10.35 21.79
CA ALA B 407 1.15 9.50 21.11
C ALA B 407 0.22 8.95 22.18
N PRO B 408 -1.10 8.88 21.94
CA PRO B 408 -2.01 8.29 22.91
C PRO B 408 -1.60 6.82 23.12
N ARG B 409 -1.61 6.35 24.36
CA ARG B 409 -1.43 4.91 24.65
C ARG B 409 -2.81 4.34 25.03
N THR B 410 -3.56 3.88 24.02
CA THR B 410 -4.98 3.45 24.12
C THR B 410 -5.11 2.45 25.27
N LEU B 411 -4.13 1.59 25.49
CA LEU B 411 -4.17 0.53 26.53
C LEU B 411 -3.83 1.10 27.91
N LEU B 412 -3.11 2.21 28.02
CA LEU B 412 -2.53 2.66 29.31
C LEU B 412 -3.64 3.34 30.10
N THR B 413 -3.97 2.82 31.27
CA THR B 413 -5.10 3.29 32.12
C THR B 413 -4.60 3.56 33.54
N LYS B 414 -3.44 3.05 33.93
CA LYS B 414 -2.96 3.09 35.34
C LYS B 414 -1.54 3.69 35.35
N GLY B 415 -1.38 4.78 36.10
CA GLY B 415 -0.10 5.51 36.20
C GLY B 415 0.03 6.53 35.09
N THR B 416 0.97 7.45 35.25
CA THR B 416 1.31 8.50 34.27
C THR B 416 2.63 8.11 33.59
N LEU B 417 2.68 8.19 32.26
CA LEU B 417 3.92 8.10 31.46
C LEU B 417 4.70 9.43 31.51
N GLU B 418 5.89 9.44 32.10
CA GLU B 418 6.81 10.60 32.04
C GLU B 418 7.45 10.73 30.65
N PRO B 419 7.86 11.98 30.29
CA PRO B 419 8.39 12.24 28.95
C PRO B 419 9.67 11.46 28.61
N GLU B 420 10.51 11.18 29.59
CA GLU B 420 11.69 10.29 29.39
C GLU B 420 11.27 8.90 28.93
N TYR B 421 9.99 8.50 28.97
CA TYR B 421 9.58 7.14 28.53
C TYR B 421 8.78 7.22 27.22
N PHE B 422 8.55 8.40 26.64
CA PHE B 422 7.74 8.54 25.41
C PHE B 422 8.38 7.73 24.31
N ASN B 423 9.69 7.85 24.11
CA ASN B 423 10.44 7.09 23.09
C ASN B 423 11.93 7.28 23.39
N SER B 424 12.83 6.57 22.68
CA SER B 424 14.30 6.68 22.86
C SER B 424 14.76 8.15 22.73
N VAL B 425 14.19 8.94 21.81
CA VAL B 425 14.65 10.33 21.55
C VAL B 425 14.26 11.17 22.76
N CYS B 426 13.03 11.10 23.23
CA CYS B 426 12.65 11.92 24.42
C CYS B 426 13.48 11.46 25.61
N ARG B 427 13.72 10.16 25.73
CA ARG B 427 14.56 9.62 26.82
C ARG B 427 15.89 10.40 26.85
N LEU B 428 16.59 10.44 25.74
CA LEU B 428 17.86 11.21 25.63
C LEU B 428 17.63 12.68 25.99
N MET B 429 16.56 13.30 25.48
CA MET B 429 16.37 14.75 25.64
C MET B 429 16.14 15.03 27.12
N LYS B 430 15.58 14.09 27.87
CA LYS B 430 15.27 14.29 29.32
C LYS B 430 16.45 13.86 30.22
N THR B 431 17.31 12.95 29.77
CA THR B 431 18.43 12.41 30.58
C THR B 431 19.69 13.25 30.33
N ILE B 432 20.20 13.30 29.09
CA ILE B 432 21.45 14.05 28.73
C ILE B 432 21.09 15.44 28.18
N GLY B 433 19.81 15.75 27.94
CA GLY B 433 19.42 17.08 27.45
C GLY B 433 19.40 17.13 25.93
N PRO B 434 18.71 18.10 25.33
CA PRO B 434 18.63 18.15 23.87
C PRO B 434 19.92 18.71 23.28
N ASP B 435 20.31 18.30 22.08
CA ASP B 435 21.52 18.87 21.43
C ASP B 435 21.29 20.37 21.20
N MET B 436 20.05 20.75 20.91
CA MET B 436 19.74 22.14 20.50
C MET B 436 18.40 22.53 21.08
N PHE B 437 18.27 23.81 21.40
CA PHE B 437 17.08 24.37 22.07
C PHE B 437 16.72 25.70 21.42
N LEU B 438 15.47 25.83 20.99
CA LEU B 438 14.86 27.10 20.53
C LEU B 438 14.32 27.81 21.75
N GLY B 439 15.03 28.84 22.21
CA GLY B 439 14.87 29.41 23.56
C GLY B 439 13.95 30.58 23.55
N THR B 440 13.45 30.99 22.39
CA THR B 440 12.60 32.21 22.36
C THR B 440 11.22 31.92 21.81
N CYS B 441 10.22 32.01 22.67
CA CYS B 441 8.81 31.84 22.28
C CYS B 441 8.34 33.19 21.69
N ARG B 442 7.90 33.17 20.43
CA ARG B 442 7.44 34.34 19.64
C ARG B 442 5.91 34.44 19.72
N ARG B 443 5.23 33.37 20.14
CA ARG B 443 3.76 33.24 20.02
C ARG B 443 3.07 33.95 21.18
N CYS B 444 3.54 33.75 22.41
CA CYS B 444 2.68 33.84 23.61
C CYS B 444 3.02 35.08 24.42
N PRO B 445 2.01 35.68 25.08
CA PRO B 445 2.28 36.72 26.05
C PRO B 445 3.28 36.24 27.11
N ALA B 446 4.09 37.15 27.65
CA ALA B 446 5.16 36.81 28.62
C ALA B 446 4.56 36.12 29.85
N GLU B 447 3.30 36.37 30.24
CA GLU B 447 2.72 35.66 31.42
C GLU B 447 2.66 34.15 31.17
N ILE B 448 2.37 33.75 29.93
CA ILE B 448 2.25 32.32 29.56
C ILE B 448 3.67 31.76 29.43
N VAL B 449 4.57 32.49 28.79
CA VAL B 449 5.95 32.01 28.53
C VAL B 449 6.62 31.82 29.90
N ASP B 450 6.43 32.78 30.81
CA ASP B 450 7.06 32.74 32.14
C ASP B 450 6.56 31.49 32.87
N THR B 451 5.27 31.22 32.75
CA THR B 451 4.63 30.10 33.45
C THR B 451 5.23 28.79 32.94
N VAL B 452 5.29 28.56 31.63
CA VAL B 452 5.65 27.21 31.13
C VAL B 452 7.17 27.06 31.12
N SER B 453 7.86 28.17 30.98
CA SER B 453 9.32 28.22 31.22
C SER B 453 9.64 27.63 32.60
N ALA B 454 8.98 28.06 33.67
CA ALA B 454 9.22 27.48 35.02
C ALA B 454 8.62 26.08 35.06
N LEU B 455 7.46 25.89 34.44
CA LEU B 455 6.72 24.62 34.67
C LEU B 455 7.51 23.47 34.07
N VAL B 456 8.10 23.62 32.88
CA VAL B 456 8.58 22.41 32.14
C VAL B 456 9.89 22.64 31.37
N TYR B 457 10.40 23.87 31.28
CA TYR B 457 11.62 24.21 30.52
C TYR B 457 12.78 24.65 31.42
N ASP B 458 12.71 24.53 32.74
CA ASP B 458 13.87 24.86 33.62
C ASP B 458 14.25 26.33 33.42
N ASN B 459 13.26 27.21 33.26
CA ASN B 459 13.44 28.69 33.20
C ASN B 459 14.32 29.07 32.01
N LYS B 460 14.37 28.22 30.98
CA LYS B 460 15.21 28.48 29.79
C LYS B 460 14.37 29.04 28.66
N LEU B 461 13.06 29.05 28.74
CA LEU B 461 12.28 29.62 27.62
C LEU B 461 12.08 31.12 27.87
N LYS B 462 12.50 31.94 26.90
CA LYS B 462 12.40 33.43 26.97
C LYS B 462 11.18 33.92 26.17
N ALA B 463 10.52 34.97 26.65
CA ALA B 463 9.38 35.62 25.96
C ALA B 463 9.92 36.61 24.93
N HIS B 464 9.49 36.51 23.69
CA HIS B 464 9.57 37.63 22.73
C HIS B 464 8.59 38.73 23.15
N LYS B 465 7.32 38.41 23.31
CA LYS B 465 6.29 39.44 23.55
C LYS B 465 6.40 39.98 24.97
N ASP B 466 5.81 41.15 25.20
CA ASP B 466 5.65 41.66 26.58
C ASP B 466 4.48 40.93 27.25
N LYS B 467 4.23 41.20 28.52
CA LYS B 467 2.92 40.92 29.15
C LYS B 467 1.83 41.50 28.23
N SER B 468 0.78 40.72 27.96
CA SER B 468 -0.47 41.15 27.29
C SER B 468 -1.39 41.87 28.29
N ALA B 469 -1.27 41.55 29.58
CA ALA B 469 -2.24 41.87 30.66
C ALA B 469 -3.63 41.28 30.36
N GLN B 470 -3.73 40.30 29.46
CA GLN B 470 -5.02 39.65 29.13
C GLN B 470 -4.94 38.16 29.53
N CYS B 471 -4.25 37.84 30.63
CA CYS B 471 -4.03 36.45 31.10
C CYS B 471 -4.64 36.32 32.49
N PHE B 472 -5.72 35.56 32.60
CA PHE B 472 -6.55 35.48 33.84
C PHE B 472 -6.67 34.03 34.30
N LYS B 473 -6.73 33.85 35.62
CA LYS B 473 -6.98 32.54 36.27
C LYS B 473 -8.09 32.70 37.29
N MET B 474 -9.04 31.77 37.28
N MET B 474 -8.99 31.71 37.30
CA MET B 474 -10.01 31.63 38.39
CA MET B 474 -10.08 31.59 38.32
C MET B 474 -9.92 30.23 38.95
C MET B 474 -10.00 30.20 38.94
N PHE B 475 -10.04 30.12 40.27
CA PHE B 475 -10.07 28.87 41.03
C PHE B 475 -11.54 28.55 41.31
N TYR B 476 -12.07 27.58 40.58
CA TYR B 476 -13.49 27.17 40.65
C TYR B 476 -13.58 25.67 40.37
N LYS B 477 -13.97 24.90 41.38
CA LYS B 477 -14.05 23.41 41.26
C LYS B 477 -15.37 23.05 40.58
N GLY B 478 -16.41 23.80 40.92
CA GLY B 478 -17.71 23.65 40.27
C GLY B 478 -18.30 22.32 40.63
N VAL B 479 -18.78 21.57 39.64
CA VAL B 479 -19.50 20.30 39.82
C VAL B 479 -19.07 19.44 38.65
N ILE B 480 -18.43 18.31 38.93
CA ILE B 480 -18.06 17.32 37.89
C ILE B 480 -19.19 16.29 37.79
N THR B 481 -19.67 16.08 36.57
CA THR B 481 -20.55 14.96 36.18
C THR B 481 -19.76 14.11 35.17
N HIS B 482 -20.09 12.82 35.10
CA HIS B 482 -19.35 11.82 34.30
C HIS B 482 -20.34 11.23 33.32
N ASP B 483 -19.97 11.11 32.05
CA ASP B 483 -20.72 10.20 31.15
C ASP B 483 -19.81 8.98 30.96
N VAL B 484 -20.02 8.21 29.88
CA VAL B 484 -19.49 6.82 29.78
C VAL B 484 -17.95 6.81 29.85
N SER B 485 -17.28 7.83 29.30
CA SER B 485 -15.79 7.92 29.17
C SER B 485 -15.29 9.38 29.18
N SER B 486 -16.08 10.34 29.64
CA SER B 486 -15.62 11.75 29.67
C SER B 486 -16.13 12.48 30.91
N ALA B 487 -15.72 13.74 31.08
CA ALA B 487 -16.13 14.59 32.22
C ALA B 487 -16.74 15.89 31.69
N ILE B 488 -17.66 16.43 32.47
CA ILE B 488 -18.41 17.67 32.15
C ILE B 488 -18.43 18.49 33.43
N ASN B 489 -18.24 19.80 33.30
CA ASN B 489 -18.25 20.72 34.47
C ASN B 489 -19.04 21.98 34.10
N ARG B 490 -20.37 21.87 34.13
CA ARG B 490 -21.32 22.89 33.66
C ARG B 490 -21.06 24.20 34.41
N PRO B 491 -20.87 24.17 35.73
CA PRO B 491 -20.61 25.42 36.45
C PRO B 491 -19.34 26.17 36.05
N GLN B 492 -18.26 25.48 35.61
CA GLN B 492 -17.05 26.12 35.01
C GLN B 492 -17.42 26.75 33.66
N ILE B 493 -18.34 26.12 32.92
CA ILE B 493 -18.90 26.72 31.68
C ILE B 493 -19.77 27.92 32.06
N GLY B 494 -20.61 27.81 33.09
CA GLY B 494 -21.41 28.94 33.58
C GLY B 494 -20.52 30.14 33.91
N VAL B 495 -19.32 29.87 34.38
CA VAL B 495 -18.45 30.99 34.86
C VAL B 495 -17.90 31.67 33.59
N VAL B 496 -17.58 30.87 32.59
CA VAL B 496 -17.14 31.41 31.30
C VAL B 496 -18.29 32.23 30.70
N ARG B 497 -19.52 31.74 30.82
CA ARG B 497 -20.73 32.39 30.23
C ARG B 497 -20.85 33.77 30.85
N GLU B 498 -20.73 33.88 32.17
CA GLU B 498 -20.82 35.18 32.87
C GLU B 498 -19.65 36.07 32.41
N PHE B 499 -18.43 35.53 32.39
CA PHE B 499 -17.22 36.28 32.01
C PHE B 499 -17.37 36.83 30.58
N LEU B 500 -17.96 36.07 29.67
CA LEU B 500 -18.15 36.54 28.28
C LEU B 500 -19.19 37.67 28.28
N THR B 501 -20.21 37.61 29.15
CA THR B 501 -21.28 38.64 29.17
C THR B 501 -20.64 39.96 29.57
N ARG B 502 -19.66 39.92 30.46
CA ARG B 502 -18.92 41.12 30.91
C ARG B 502 -17.70 41.42 30.01
N ASN B 503 -17.28 40.55 29.09
CA ASN B 503 -16.00 40.68 28.32
C ASN B 503 -16.26 40.23 26.89
N PRO B 504 -17.29 40.80 26.22
CA PRO B 504 -17.74 40.29 24.93
C PRO B 504 -16.64 40.23 23.85
N ALA B 505 -15.58 41.02 23.98
CA ALA B 505 -14.37 40.90 23.12
C ALA B 505 -13.90 39.45 23.08
N TRP B 506 -14.06 38.72 24.20
CA TRP B 506 -13.55 37.32 24.31
C TRP B 506 -14.44 36.34 23.54
N ARG B 507 -15.49 36.81 22.88
CA ARG B 507 -16.39 35.96 22.09
C ARG B 507 -15.62 35.50 20.85
N LYS B 508 -14.41 36.00 20.61
CA LYS B 508 -13.59 35.46 19.49
C LYS B 508 -12.66 34.34 20.00
N ALA B 509 -12.74 33.97 21.29
CA ALA B 509 -11.89 32.93 21.92
C ALA B 509 -12.20 31.53 21.37
N VAL B 510 -11.17 30.67 21.37
CA VAL B 510 -11.31 29.20 21.27
C VAL B 510 -11.51 28.63 22.66
N PHE B 511 -12.44 27.69 22.78
CA PHE B 511 -12.69 26.94 24.03
C PHE B 511 -11.86 25.66 24.00
N ILE B 512 -11.12 25.46 25.08
CA ILE B 512 -10.27 24.25 25.24
C ILE B 512 -10.56 23.66 26.59
N SER B 513 -10.62 22.34 26.65
CA SER B 513 -10.65 21.58 27.90
C SER B 513 -10.00 20.22 27.65
N PRO B 514 -9.71 19.48 28.71
CA PRO B 514 -9.16 18.15 28.59
C PRO B 514 -10.17 17.06 28.23
N TYR B 515 -11.44 17.39 28.00
CA TYR B 515 -12.54 16.42 27.79
C TYR B 515 -13.46 16.86 26.67
N ASN B 516 -13.74 15.96 25.73
CA ASN B 516 -14.62 16.22 24.57
C ASN B 516 -16.08 16.41 25.03
N SER B 517 -16.55 15.78 26.10
CA SER B 517 -17.92 16.03 26.58
C SER B 517 -18.02 17.46 27.12
N GLN B 518 -17.10 17.89 27.99
CA GLN B 518 -17.03 19.31 28.42
C GLN B 518 -17.15 20.22 27.18
N ASN B 519 -16.35 19.95 26.15
CA ASN B 519 -16.31 20.70 24.87
C ASN B 519 -17.69 20.69 24.22
N ALA B 520 -18.38 19.54 24.17
CA ALA B 520 -19.72 19.42 23.56
C ALA B 520 -20.69 20.35 24.28
N VAL B 521 -20.64 20.37 25.62
CA VAL B 521 -21.56 21.23 26.40
C VAL B 521 -21.17 22.69 26.07
N ALA B 522 -19.90 23.06 26.25
CA ALA B 522 -19.37 24.42 25.95
C ALA B 522 -19.81 24.93 24.57
N SER B 523 -19.68 24.11 23.51
CA SER B 523 -20.08 24.50 22.14
C SER B 523 -21.52 25.04 22.13
N LYS B 524 -22.44 24.32 22.75
CA LYS B 524 -23.90 24.62 22.76
C LYS B 524 -24.14 25.84 23.67
N ILE B 525 -23.51 25.92 24.84
CA ILE B 525 -23.83 27.03 25.78
C ILE B 525 -23.12 28.33 25.33
N LEU B 526 -21.92 28.26 24.76
CA LEU B 526 -21.05 29.44 24.55
C LEU B 526 -20.96 29.79 23.06
N GLY B 527 -21.07 28.83 22.15
CA GLY B 527 -20.90 29.06 20.71
C GLY B 527 -19.45 29.24 20.29
N LEU B 528 -18.50 29.21 21.21
CA LEU B 528 -17.06 29.27 20.86
C LEU B 528 -16.69 28.01 20.08
N PRO B 529 -15.80 28.09 19.08
CA PRO B 529 -15.09 26.92 18.59
C PRO B 529 -14.38 26.19 19.75
N THR B 530 -14.36 24.87 19.70
CA THR B 530 -13.74 23.99 20.73
C THR B 530 -12.66 23.10 20.13
N GLN B 531 -11.69 22.78 20.98
CA GLN B 531 -10.58 21.82 20.78
C GLN B 531 -10.34 21.11 22.13
N THR B 532 -10.02 19.84 22.12
CA THR B 532 -9.34 19.18 23.26
C THR B 532 -7.93 19.72 23.27
N VAL B 533 -7.26 19.68 24.41
CA VAL B 533 -5.84 20.08 24.44
C VAL B 533 -5.11 19.25 23.39
N ASP B 534 -5.44 17.95 23.31
CA ASP B 534 -4.77 16.95 22.44
C ASP B 534 -5.00 17.37 20.98
N SER B 535 -6.16 17.91 20.59
CA SER B 535 -6.40 18.31 19.17
C SER B 535 -5.87 19.74 18.92
N SER B 536 -5.58 20.52 19.96
CA SER B 536 -5.10 21.92 19.84
C SER B 536 -3.59 21.97 19.56
N GLN B 537 -2.85 20.90 19.90
CA GLN B 537 -1.37 20.78 19.76
C GLN B 537 -0.97 21.16 18.33
N GLY B 538 -0.05 22.11 18.17
CA GLY B 538 0.38 22.57 16.83
C GLY B 538 -0.46 23.71 16.27
N SER B 539 -1.52 24.15 16.97
CA SER B 539 -2.38 25.29 16.58
C SER B 539 -2.15 26.51 17.48
N GLU B 540 -2.57 27.68 17.00
CA GLU B 540 -2.48 28.90 17.84
C GLU B 540 -3.74 29.70 17.61
N TYR B 541 -4.14 30.44 18.63
CA TYR B 541 -5.32 31.33 18.60
C TYR B 541 -5.01 32.56 19.47
N ASP B 542 -5.65 33.70 19.17
CA ASP B 542 -5.39 34.99 19.87
C ASP B 542 -5.87 34.82 21.32
N TYR B 543 -7.06 34.22 21.46
CA TYR B 543 -7.77 34.13 22.74
C TYR B 543 -8.16 32.69 23.00
N VAL B 544 -7.84 32.24 24.20
CA VAL B 544 -8.08 30.84 24.62
C VAL B 544 -8.86 30.94 25.93
N ILE B 545 -9.97 30.23 26.01
CA ILE B 545 -10.65 29.99 27.31
C ILE B 545 -10.53 28.49 27.63
N PHE B 546 -9.90 28.19 28.76
CA PHE B 546 -9.63 26.82 29.24
C PHE B 546 -10.39 26.57 30.54
N THR B 547 -11.20 25.52 30.54
CA THR B 547 -11.77 24.93 31.79
C THR B 547 -11.05 23.59 32.04
N GLN B 548 -10.33 23.49 33.15
CA GLN B 548 -9.66 22.23 33.56
C GLN B 548 -10.67 21.08 33.63
N THR B 549 -11.93 21.38 34.01
CA THR B 549 -13.07 20.42 34.14
C THR B 549 -12.94 19.55 35.41
N THR B 550 -11.84 18.80 35.57
CA THR B 550 -11.53 17.96 36.76
C THR B 550 -10.13 18.26 37.31
N GLU B 551 -9.76 17.69 38.46
CA GLU B 551 -8.36 17.67 38.98
C GLU B 551 -7.72 16.28 38.88
N THR B 552 -8.17 15.42 37.98
CA THR B 552 -7.56 14.09 37.74
C THR B 552 -6.09 14.23 37.31
N ALA B 553 -5.34 13.12 37.27
CA ALA B 553 -4.02 13.00 36.62
C ALA B 553 -4.08 13.47 35.15
N HIS B 554 -5.12 13.11 34.41
CA HIS B 554 -5.26 13.53 32.99
C HIS B 554 -5.37 15.06 32.88
N SER B 555 -6.16 15.71 33.72
CA SER B 555 -6.44 17.15 33.61
C SER B 555 -5.28 17.96 34.22
N CYS B 556 -4.46 17.36 35.11
CA CYS B 556 -3.32 18.02 35.80
C CYS B 556 -2.00 17.68 35.11
N ASN B 557 -2.01 16.88 34.06
CA ASN B 557 -0.76 16.46 33.38
C ASN B 557 -0.04 17.72 32.89
N VAL B 558 1.22 17.91 33.34
CA VAL B 558 1.93 19.19 33.05
C VAL B 558 2.15 19.31 31.55
N ASN B 559 2.35 18.24 30.80
CA ASN B 559 2.55 18.37 29.33
C ASN B 559 1.26 18.89 28.69
N ARG B 560 0.12 18.40 29.14
CA ARG B 560 -1.19 18.71 28.54
C ARG B 560 -1.44 20.18 28.85
N PHE B 561 -1.14 20.55 30.07
CA PHE B 561 -1.39 21.91 30.56
C PHE B 561 -0.50 22.91 29.82
N ASN B 562 0.78 22.55 29.66
CA ASN B 562 1.79 23.27 28.85
C ASN B 562 1.20 23.54 27.45
N VAL B 563 0.69 22.51 26.76
CA VAL B 563 0.11 22.64 25.38
C VAL B 563 -1.16 23.50 25.46
N ALA B 564 -1.96 23.34 26.51
CA ALA B 564 -3.27 24.04 26.59
C ALA B 564 -3.00 25.56 26.54
N ILE B 565 -2.19 26.07 27.48
CA ILE B 565 -2.04 27.53 27.72
C ILE B 565 -1.16 28.18 26.64
N THR B 566 -0.26 27.46 25.97
CA THR B 566 0.65 27.98 24.93
C THR B 566 -0.08 28.04 23.58
N ARG B 567 -1.39 27.80 23.52
CA ARG B 567 -2.08 27.99 22.21
C ARG B 567 -2.37 29.49 22.00
N ALA B 568 -2.23 30.30 23.06
CA ALA B 568 -2.67 31.72 23.12
C ALA B 568 -1.56 32.66 22.62
N LYS B 569 -1.85 33.41 21.56
CA LYS B 569 -1.03 34.57 21.06
C LYS B 569 -1.27 35.84 21.89
N VAL B 570 -2.46 36.05 22.44
CA VAL B 570 -2.81 37.36 23.05
C VAL B 570 -3.28 37.21 24.50
N GLY B 571 -4.38 36.50 24.70
CA GLY B 571 -5.05 36.39 26.01
C GLY B 571 -5.48 34.97 26.35
N ILE B 572 -5.57 34.66 27.65
CA ILE B 572 -6.10 33.35 28.11
C ILE B 572 -6.89 33.56 29.38
N LEU B 573 -8.00 32.85 29.49
CA LEU B 573 -8.77 32.66 30.73
C LEU B 573 -8.63 31.19 31.10
N CYS B 574 -8.05 30.89 32.26
CA CYS B 574 -8.03 29.51 32.78
C CYS B 574 -8.97 29.40 33.97
N ILE B 575 -10.06 28.63 33.83
CA ILE B 575 -10.89 28.20 34.98
C ILE B 575 -10.29 26.86 35.44
N MET B 576 -9.65 26.89 36.61
CA MET B 576 -8.80 25.83 37.22
C MET B 576 -9.57 25.08 38.32
N SER B 577 -9.35 23.77 38.39
CA SER B 577 -9.84 22.86 39.43
C SER B 577 -8.68 22.59 40.37
N ASP B 578 -7.46 22.48 39.82
CA ASP B 578 -6.27 22.06 40.59
C ASP B 578 -5.61 23.28 41.28
N ARG B 579 -5.47 23.28 42.61
CA ARG B 579 -4.85 24.38 43.38
C ARG B 579 -3.38 24.55 42.97
N ASP B 580 -2.67 23.44 42.72
CA ASP B 580 -1.23 23.38 42.35
C ASP B 580 -1.02 24.19 41.06
N LEU B 581 -1.54 23.74 39.91
CA LEU B 581 -1.34 24.40 38.61
C LEU B 581 -1.91 25.84 38.68
N TYR B 582 -3.05 26.06 39.31
CA TYR B 582 -3.57 27.42 39.54
C TYR B 582 -2.47 28.32 40.13
N ASP B 583 -1.78 27.84 41.15
CA ASP B 583 -0.78 28.65 41.90
C ASP B 583 0.48 28.83 41.04
N LYS B 584 0.66 27.98 40.03
CA LYS B 584 1.81 28.08 39.10
C LYS B 584 1.46 28.99 37.92
N LEU B 585 0.19 29.32 37.70
CA LEU B 585 -0.16 30.28 36.60
C LEU B 585 0.20 31.69 37.06
N GLN B 586 1.11 32.35 36.32
CA GLN B 586 1.59 33.74 36.57
C GLN B 586 0.60 34.68 35.88
N PHE B 587 -0.67 34.56 36.23
CA PHE B 587 -1.77 35.24 35.55
C PHE B 587 -2.44 36.06 36.64
N THR B 588 -3.30 36.99 36.25
CA THR B 588 -4.11 37.80 37.16
C THR B 588 -5.27 36.93 37.67
N SER B 589 -5.43 36.86 38.99
CA SER B 589 -6.54 36.13 39.63
C SER B 589 -7.81 36.97 39.52
N LEU B 590 -8.94 36.30 39.29
CA LEU B 590 -10.29 36.89 39.18
C LEU B 590 -11.14 36.30 40.30
N GLU B 591 -11.79 37.14 41.10
CA GLU B 591 -12.77 36.69 42.13
C GLU B 591 -13.93 36.06 41.34
N ILE B 592 -14.70 35.17 41.97
CA ILE B 592 -15.83 34.41 41.34
C ILE B 592 -17.10 35.28 41.38
N PRO B 593 -17.80 35.50 40.24
CA PRO B 593 -19.14 36.08 40.27
C PRO B 593 -20.20 35.14 40.87
N1 VVJ C . 13.36 3.19 -17.43
C4 VVJ C . 15.47 1.35 -15.53
C5 VVJ C . 16.75 0.62 -15.80
C6 VVJ C . 16.87 0.11 -17.21
C7 VVJ C . 16.59 1.17 -18.28
C8 VVJ C . 15.14 1.61 -18.37
C1 VVJ C . 12.45 2.05 -17.37
C2 VVJ C . 14.81 2.83 -17.51
C3 VVJ C . 15.41 2.72 -16.11
S1 VVJ C . 12.82 4.59 -18.07
O1 VVJ C . 11.64 4.30 -18.82
O2 VVJ C . 12.70 5.53 -17.00
C9 VVJ C . 14.06 5.13 -19.18
ZN ZN D . 19.68 32.43 -29.21
ZN ZN E . 13.52 11.37 -26.91
ZN ZN F . 24.46 5.31 -23.80
P PO4 G . -5.80 -26.25 -15.10
O1 PO4 G . -6.88 -25.64 -15.95
O2 PO4 G . -4.50 -26.29 -15.82
O3 PO4 G . -6.14 -27.71 -14.76
O4 PO4 G . -5.68 -25.42 -13.81
P PO4 H . -7.41 -22.47 -18.51
O1 PO4 H . -8.49 -23.44 -18.89
O2 PO4 H . -6.08 -23.00 -18.99
O3 PO4 H . -7.77 -21.11 -19.19
O4 PO4 H . -7.33 -22.26 -17.01
ZN ZN I . 6.55 -16.34 25.15
ZN ZN J . 19.05 -16.77 23.48
ZN ZN K . -0.18 -37.01 22.95
P PO4 L . 6.70 26.30 15.92
O1 PO4 L . 6.62 25.62 14.53
O2 PO4 L . 5.46 26.08 16.77
O3 PO4 L . 6.92 27.80 15.75
O4 PO4 L . 7.88 25.72 16.67
P PO4 M . 3.65 23.93 18.99
O1 PO4 M . 3.42 24.19 17.52
O2 PO4 M . 2.94 22.66 19.41
O3 PO4 M . 3.10 25.05 19.85
O4 PO4 M . 5.09 23.71 19.25
#